data_9LGU
#
_entry.id   9LGU
#
_cell.length_a   71.590
_cell.length_b   111.910
_cell.length_c   84.140
_cell.angle_alpha   90.00
_cell.angle_beta   109.52
_cell.angle_gamma   90.00
#
_symmetry.space_group_name_H-M   'P 1 21 1'
#
loop_
_entity.id
_entity.type
_entity.pdbx_description
1 polymer 'Bcl-2-like protein 1'
2 polymer 'Activator of apoptosis harakiri'
3 non-polymer 'MAGNESIUM ION'
#
loop_
_entity_poly.entity_id
_entity_poly.type
_entity_poly.pdbx_seq_one_letter_code
_entity_poly.pdbx_strand_id
1 'polypeptide(L)'
;SMSQSNRELVVDFLSYKLSQKGYSWSQFSDVEENRTEAPEGTESEMETPSAINGNPSWHLADSPAVNGATGHSSSLDARE
VIPMAAVKQALREAGDEFELRYRRAFSDLTSQLHITPGTAYQSFEQVVNELFRDGVNWGRIVAFFSFGGALCVESVDKEM
QVLVSRIAAWMATYLNDHLEPWIQENGGWDTFVELYGNNAAAESRKGQERLEHHHHHH
;
A,C,E,G,I,K
2 'polypeptide(L)' SSAAQLLA(MK8)RLK(MK8)LGDELHQRTMW B,D,F,H,L,M
#
loop_
_chem_comp.id
_chem_comp.type
_chem_comp.name
_chem_comp.formula
MG non-polymer 'MAGNESIUM ION' 'Mg 2'
#
# COMPACT_ATOMS: atom_id res chain seq x y z
N SER A 3 5.10 -23.24 -21.53
CA SER A 3 4.86 -23.78 -22.86
C SER A 3 3.84 -24.92 -22.82
N GLN A 4 4.30 -26.12 -23.20
CA GLN A 4 3.42 -27.28 -23.18
C GLN A 4 3.31 -27.90 -21.79
N SER A 5 4.30 -27.68 -20.93
CA SER A 5 4.22 -28.21 -19.56
C SER A 5 3.13 -27.52 -18.76
N ASN A 6 2.79 -26.28 -19.10
CA ASN A 6 1.71 -25.59 -18.41
C ASN A 6 0.35 -26.15 -18.83
N ARG A 7 0.16 -26.39 -20.13
CA ARG A 7 -1.06 -27.05 -20.58
C ARG A 7 -1.13 -28.47 -20.03
N GLU A 8 0.01 -29.14 -19.88
CA GLU A 8 0.03 -30.45 -19.24
C GLU A 8 -0.44 -30.37 -17.80
N LEU A 9 -0.08 -29.29 -17.09
CA LEU A 9 -0.52 -29.12 -15.71
C LEU A 9 -1.98 -28.73 -15.64
N VAL A 10 -2.44 -27.87 -16.57
CA VAL A 10 -3.82 -27.42 -16.55
C VAL A 10 -4.76 -28.56 -16.92
N VAL A 11 -4.41 -29.34 -17.95
CA VAL A 11 -5.25 -30.46 -18.36
C VAL A 11 -5.32 -31.51 -17.26
N ASP A 12 -4.21 -31.72 -16.54
CA ASP A 12 -4.19 -32.70 -15.47
C ASP A 12 -5.11 -32.30 -14.32
N PHE A 13 -5.05 -31.02 -13.92
CA PHE A 13 -5.88 -30.58 -12.80
C PHE A 13 -7.36 -30.61 -13.14
N LEU A 14 -7.72 -30.18 -14.35
CA LEU A 14 -9.12 -30.23 -14.76
C LEU A 14 -9.62 -31.65 -14.89
N SER A 15 -8.76 -32.58 -15.33
CA SER A 15 -9.15 -33.99 -15.38
C SER A 15 -9.43 -34.52 -13.99
N TYR A 16 -8.63 -34.10 -13.00
CA TYR A 16 -8.81 -34.57 -11.63
C TYR A 16 -10.09 -34.02 -11.02
N LYS A 17 -10.34 -32.72 -11.20
CA LYS A 17 -11.54 -32.12 -10.61
C LYS A 17 -12.81 -32.57 -11.31
N LEU A 18 -12.74 -32.87 -12.61
CA LEU A 18 -13.91 -33.39 -13.30
C LEU A 18 -14.22 -34.82 -12.87
N SER A 19 -13.20 -35.59 -12.49
CA SER A 19 -13.43 -36.97 -12.07
C SER A 19 -14.04 -37.07 -10.69
N GLN A 20 -13.89 -36.04 -9.84
CA GLN A 20 -14.44 -36.09 -8.50
C GLN A 20 -15.96 -36.00 -8.48
N LYS A 21 -16.58 -35.59 -9.60
CA LYS A 21 -18.03 -35.59 -9.71
C LYS A 21 -18.53 -36.53 -10.79
N GLY A 22 -17.69 -37.43 -11.28
CA GLY A 22 -18.12 -38.46 -12.21
C GLY A 22 -17.93 -38.15 -13.68
N TYR A 23 -17.31 -37.02 -14.02
CA TYR A 23 -17.14 -36.64 -15.40
C TYR A 23 -15.78 -37.10 -15.94
N SER A 24 -15.75 -37.41 -17.23
CA SER A 24 -14.53 -37.82 -17.91
C SER A 24 -14.05 -36.70 -18.81
N TRP A 25 -12.73 -36.53 -18.89
CA TRP A 25 -12.17 -35.42 -19.65
C TRP A 25 -12.42 -35.58 -21.14
N SER A 26 -12.26 -36.80 -21.67
CA SER A 26 -12.39 -37.02 -23.10
C SER A 26 -13.81 -36.81 -23.61
N GLN A 27 -14.80 -36.80 -22.70
CA GLN A 27 -16.18 -36.55 -23.12
C GLN A 27 -16.38 -35.14 -23.64
N PHE A 28 -15.48 -34.21 -23.33
CA PHE A 28 -15.56 -32.85 -23.80
C PHE A 28 -14.44 -32.47 -24.76
N SER A 29 -13.23 -32.99 -24.56
CA SER A 29 -12.11 -32.70 -25.43
C SER A 29 -11.41 -33.99 -25.87
N MET A 84 4.95 -32.10 -14.53
CA MET A 84 5.49 -33.42 -14.24
C MET A 84 4.74 -34.06 -13.07
N ALA A 85 5.10 -35.30 -12.74
CA ALA A 85 4.34 -36.08 -11.76
C ALA A 85 4.31 -35.40 -10.40
N ALA A 86 5.49 -35.00 -9.89
CA ALA A 86 5.55 -34.40 -8.57
C ALA A 86 4.75 -33.11 -8.50
N VAL A 87 4.85 -32.28 -9.53
CA VAL A 87 4.09 -31.03 -9.54
C VAL A 87 2.60 -31.31 -9.69
N LYS A 88 2.23 -32.36 -10.41
CA LYS A 88 0.82 -32.69 -10.58
C LYS A 88 0.20 -33.17 -9.27
N GLN A 89 0.83 -34.16 -8.62
CA GLN A 89 0.29 -34.69 -7.38
C GLN A 89 0.29 -33.65 -6.27
N ALA A 90 1.28 -32.75 -6.26
CA ALA A 90 1.30 -31.70 -5.25
C ALA A 90 0.17 -30.71 -5.45
N LEU A 91 -0.10 -30.31 -6.69
CA LEU A 91 -1.20 -29.40 -6.97
C LEU A 91 -2.55 -30.06 -6.71
N ARG A 92 -2.65 -31.37 -6.95
CA ARG A 92 -3.91 -32.07 -6.72
C ARG A 92 -4.27 -32.08 -5.23
N GLU A 93 -3.28 -32.40 -4.38
CA GLU A 93 -3.54 -32.42 -2.94
C GLU A 93 -3.74 -31.01 -2.39
N ALA A 94 -2.95 -30.04 -2.87
CA ALA A 94 -3.16 -28.66 -2.44
C ALA A 94 -4.48 -28.12 -2.95
N GLY A 95 -4.84 -28.46 -4.19
CA GLY A 95 -6.13 -28.04 -4.72
C GLY A 95 -7.30 -28.70 -4.00
N ASP A 96 -7.13 -29.93 -3.53
CA ASP A 96 -8.16 -30.57 -2.74
C ASP A 96 -8.29 -29.91 -1.36
N GLU A 97 -7.15 -29.64 -0.72
CA GLU A 97 -7.17 -28.97 0.58
C GLU A 97 -7.79 -27.58 0.48
N PHE A 98 -7.62 -26.90 -0.67
CA PHE A 98 -8.14 -25.55 -0.81
C PHE A 98 -9.66 -25.54 -0.92
N GLU A 99 -10.22 -26.47 -1.71
CA GLU A 99 -11.67 -26.50 -1.89
C GLU A 99 -12.39 -26.87 -0.60
N LEU A 100 -11.80 -27.77 0.20
CA LEU A 100 -12.42 -28.13 1.47
C LEU A 100 -12.47 -26.94 2.42
N ARG A 101 -11.41 -26.13 2.43
CA ARG A 101 -11.40 -24.95 3.28
C ARG A 101 -12.40 -23.91 2.79
N TYR A 102 -12.50 -23.72 1.47
CA TYR A 102 -13.41 -22.72 0.94
C TYR A 102 -14.86 -23.10 1.19
N ARG A 103 -15.21 -24.38 1.00
CA ARG A 103 -16.57 -24.82 1.29
C ARG A 103 -16.87 -24.74 2.78
N ARG A 104 -15.87 -25.03 3.62
CA ARG A 104 -16.05 -24.94 5.06
C ARG A 104 -16.24 -23.50 5.51
N ALA A 105 -15.44 -22.57 4.95
CA ALA A 105 -15.44 -21.20 5.44
C ALA A 105 -16.60 -20.39 4.89
N PHE A 106 -16.81 -20.45 3.57
CA PHE A 106 -17.70 -19.50 2.92
C PHE A 106 -18.86 -20.18 2.20
N SER A 107 -18.61 -20.79 1.05
CA SER A 107 -19.69 -21.38 0.25
C SER A 107 -19.05 -22.22 -0.86
N ASP A 108 -19.88 -22.67 -1.78
CA ASP A 108 -19.39 -23.25 -3.03
C ASP A 108 -18.77 -22.17 -3.89
N LEU A 109 -17.72 -22.55 -4.62
CA LEU A 109 -16.96 -21.55 -5.37
C LEU A 109 -17.71 -21.03 -6.58
N THR A 110 -18.61 -21.83 -7.16
CA THR A 110 -19.26 -21.47 -8.41
C THR A 110 -20.77 -21.55 -8.38
N SER A 111 -21.38 -22.29 -7.45
CA SER A 111 -22.84 -22.46 -7.48
C SER A 111 -23.57 -21.14 -7.29
N GLN A 112 -22.96 -20.18 -6.59
CA GLN A 112 -23.57 -18.86 -6.44
C GLN A 112 -23.26 -17.95 -7.62
N LEU A 113 -22.21 -18.24 -8.38
CA LEU A 113 -21.95 -17.51 -9.62
C LEU A 113 -22.93 -17.95 -10.69
N HIS A 114 -23.76 -17.02 -11.16
CA HIS A 114 -24.72 -17.32 -12.22
C HIS A 114 -23.98 -17.20 -13.55
N ILE A 115 -23.46 -18.34 -14.01
CA ILE A 115 -22.57 -18.41 -15.16
C ILE A 115 -23.38 -18.76 -16.40
N THR A 116 -23.14 -18.01 -17.47
CA THR A 116 -23.71 -18.25 -18.79
C THR A 116 -22.59 -18.26 -19.80
N PRO A 117 -22.77 -18.94 -20.94
CA PRO A 117 -21.70 -18.96 -21.96
C PRO A 117 -21.30 -17.58 -22.45
N GLY A 118 -22.21 -16.60 -22.39
CA GLY A 118 -21.86 -15.25 -22.79
C GLY A 118 -21.06 -14.49 -21.77
N THR A 119 -21.20 -14.84 -20.49
CA THR A 119 -20.47 -14.20 -19.40
C THR A 119 -19.48 -15.15 -18.74
N ALA A 120 -18.99 -16.13 -19.49
CA ALA A 120 -18.06 -17.11 -18.95
C ALA A 120 -16.68 -16.49 -18.74
N TYR A 121 -15.98 -16.19 -19.84
CA TYR A 121 -14.69 -15.51 -19.73
C TYR A 121 -14.85 -14.16 -19.06
N GLN A 122 -15.98 -13.48 -19.28
CA GLN A 122 -16.21 -12.18 -18.66
C GLN A 122 -16.16 -12.28 -17.14
N SER A 123 -16.54 -13.42 -16.58
CA SER A 123 -16.42 -13.66 -15.15
C SER A 123 -15.07 -14.27 -14.78
N PHE A 124 -14.50 -15.08 -15.66
CA PHE A 124 -13.19 -15.68 -15.39
C PHE A 124 -12.10 -14.61 -15.31
N GLU A 125 -12.12 -13.65 -16.23
CA GLU A 125 -11.05 -12.66 -16.29
C GLU A 125 -11.11 -11.69 -15.12
N GLN A 126 -12.31 -11.38 -14.63
CA GLN A 126 -12.42 -10.45 -13.51
C GLN A 126 -12.03 -11.09 -12.18
N VAL A 127 -12.09 -12.42 -12.08
CA VAL A 127 -11.70 -13.08 -10.83
C VAL A 127 -10.19 -13.26 -10.77
N VAL A 128 -9.58 -13.73 -11.87
CA VAL A 128 -8.14 -13.95 -11.87
C VAL A 128 -7.39 -12.62 -11.86
N ASN A 129 -7.98 -11.56 -12.43
CA ASN A 129 -7.32 -10.26 -12.37
C ASN A 129 -7.33 -9.70 -10.96
N GLU A 130 -8.44 -9.85 -10.25
CA GLU A 130 -8.50 -9.40 -8.87
C GLU A 130 -7.61 -10.25 -7.97
N LEU A 131 -7.59 -11.56 -8.21
CA LEU A 131 -6.79 -12.46 -7.37
C LEU A 131 -5.30 -12.13 -7.47
N PHE A 132 -4.82 -11.81 -8.67
CA PHE A 132 -3.42 -11.47 -8.90
C PHE A 132 -3.22 -9.99 -9.13
N ARG A 133 -4.12 -9.16 -8.60
CA ARG A 133 -4.00 -7.71 -8.79
C ARG A 133 -2.81 -7.15 -8.04
N ASP A 134 -2.61 -7.57 -6.79
CA ASP A 134 -1.58 -7.02 -5.92
C ASP A 134 -0.49 -8.02 -5.58
N GLY A 135 -0.12 -8.86 -6.55
CA GLY A 135 0.99 -9.76 -6.40
C GLY A 135 0.61 -11.20 -6.71
N VAL A 136 1.61 -12.07 -6.67
CA VAL A 136 1.46 -13.50 -6.96
C VAL A 136 2.23 -14.28 -5.91
N ASN A 137 1.61 -15.32 -5.37
CA ASN A 137 2.29 -16.26 -4.49
C ASN A 137 1.79 -17.67 -4.80
N TRP A 138 2.35 -18.65 -4.09
CA TRP A 138 2.01 -20.04 -4.35
C TRP A 138 0.56 -20.34 -3.98
N GLY A 139 0.11 -19.84 -2.84
CA GLY A 139 -1.27 -20.07 -2.44
C GLY A 139 -2.27 -19.43 -3.38
N ARG A 140 -1.93 -18.24 -3.90
CA ARG A 140 -2.79 -17.60 -4.89
C ARG A 140 -2.81 -18.38 -6.20
N ILE A 141 -1.70 -19.05 -6.53
CA ILE A 141 -1.70 -19.93 -7.70
C ILE A 141 -2.57 -21.15 -7.45
N VAL A 142 -2.53 -21.69 -6.24
CA VAL A 142 -3.42 -22.79 -5.88
C VAL A 142 -4.88 -22.35 -5.97
N ALA A 143 -5.16 -21.12 -5.52
CA ALA A 143 -6.50 -20.56 -5.67
C ALA A 143 -6.87 -20.40 -7.14
N PHE A 144 -5.88 -20.12 -8.00
CA PHE A 144 -6.16 -19.97 -9.42
C PHE A 144 -6.60 -21.30 -10.04
N PHE A 145 -5.91 -22.38 -9.71
CA PHE A 145 -6.26 -23.69 -10.26
C PHE A 145 -7.61 -24.18 -9.72
N SER A 146 -7.82 -24.03 -8.40
CA SER A 146 -9.06 -24.50 -7.80
CA SER A 146 -9.06 -24.50 -7.80
C SER A 146 -10.27 -23.75 -8.35
N PHE A 147 -10.10 -22.45 -8.65
CA PHE A 147 -11.22 -21.69 -9.19
C PHE A 147 -11.58 -22.17 -10.60
N GLY A 148 -10.59 -22.23 -11.49
CA GLY A 148 -10.84 -22.73 -12.83
C GLY A 148 -11.34 -24.16 -12.84
N GLY A 149 -10.84 -24.98 -11.92
CA GLY A 149 -11.35 -26.33 -11.80
C GLY A 149 -12.83 -26.35 -11.42
N ALA A 150 -13.19 -25.58 -10.40
CA ALA A 150 -14.59 -25.47 -10.00
C ALA A 150 -15.44 -24.82 -11.09
N LEU A 151 -14.84 -24.04 -11.97
CA LEU A 151 -15.59 -23.44 -13.07
C LEU A 151 -15.99 -24.49 -14.10
N CYS A 152 -15.08 -25.40 -14.43
CA CYS A 152 -15.39 -26.45 -15.40
C CYS A 152 -16.46 -27.39 -14.85
N VAL A 153 -16.38 -27.73 -13.56
CA VAL A 153 -17.37 -28.62 -12.96
C VAL A 153 -18.75 -27.98 -12.99
N GLU A 154 -18.82 -26.66 -12.79
CA GLU A 154 -20.09 -25.97 -12.90
C GLU A 154 -20.56 -25.89 -14.35
N SER A 155 -19.62 -25.81 -15.29
CA SER A 155 -20.01 -25.77 -16.70
C SER A 155 -20.70 -27.05 -17.13
N VAL A 156 -20.17 -28.20 -16.70
CA VAL A 156 -20.84 -29.47 -16.99
C VAL A 156 -22.10 -29.61 -16.16
N ASP A 157 -22.09 -29.04 -14.94
CA ASP A 157 -23.28 -29.10 -14.09
C ASP A 157 -24.43 -28.31 -14.70
N LYS A 158 -24.13 -27.20 -15.36
CA LYS A 158 -25.15 -26.35 -15.97
C LYS A 158 -25.34 -26.64 -17.47
N GLU A 159 -24.86 -27.80 -17.94
CA GLU A 159 -25.02 -28.23 -19.32
C GLU A 159 -24.35 -27.27 -20.31
N MET A 160 -23.14 -26.83 -19.97
CA MET A 160 -22.31 -26.00 -20.83
C MET A 160 -20.92 -26.60 -20.99
N GLN A 161 -20.88 -27.90 -21.30
CA GLN A 161 -19.61 -28.62 -21.39
C GLN A 161 -18.73 -28.14 -22.54
N VAL A 162 -19.24 -27.30 -23.44
CA VAL A 162 -18.39 -26.65 -24.43
C VAL A 162 -17.45 -25.64 -23.79
N LEU A 163 -17.70 -25.27 -22.54
CA LEU A 163 -16.86 -24.32 -21.82
C LEU A 163 -15.65 -24.97 -21.17
N VAL A 164 -15.60 -26.31 -21.12
CA VAL A 164 -14.49 -26.98 -20.47
C VAL A 164 -13.19 -26.75 -21.23
N SER A 165 -13.23 -26.92 -22.55
CA SER A 165 -12.04 -26.66 -23.37
C SER A 165 -11.70 -25.18 -23.40
N ARG A 166 -12.70 -24.31 -23.27
CA ARG A 166 -12.44 -22.87 -23.27
C ARG A 166 -11.77 -22.44 -21.98
N ILE A 167 -12.28 -22.89 -20.84
CA ILE A 167 -11.64 -22.57 -19.56
C ILE A 167 -10.24 -23.15 -19.49
N ALA A 168 -10.06 -24.35 -20.08
CA ALA A 168 -8.72 -24.94 -20.14
C ALA A 168 -7.77 -24.06 -20.93
N ALA A 169 -8.27 -23.43 -22.00
CA ALA A 169 -7.41 -22.57 -22.81
C ALA A 169 -7.15 -21.25 -22.11
N TRP A 170 -8.16 -20.69 -21.44
CA TRP A 170 -7.99 -19.42 -20.75
C TRP A 170 -6.99 -19.55 -19.60
N MET A 171 -7.00 -20.69 -18.90
CA MET A 171 -6.10 -20.88 -17.77
C MET A 171 -4.65 -21.05 -18.24
N ALA A 172 -4.44 -21.91 -19.25
CA ALA A 172 -3.08 -22.14 -19.74
C ALA A 172 -2.50 -20.88 -20.38
N THR A 173 -3.35 -20.02 -20.94
CA THR A 173 -2.86 -18.75 -21.49
C THR A 173 -2.43 -17.81 -20.38
N TYR A 174 -3.23 -17.69 -19.33
CA TYR A 174 -2.88 -16.81 -18.21
C TYR A 174 -1.66 -17.35 -17.47
N LEU A 175 -1.54 -18.67 -17.36
CA LEU A 175 -0.38 -19.26 -16.68
C LEU A 175 0.91 -18.92 -17.41
N ASN A 176 0.88 -18.92 -18.74
CA ASN A 176 2.10 -18.65 -19.51
C ASN A 176 2.45 -17.17 -19.51
N ASP A 177 1.45 -16.31 -19.68
CA ASP A 177 1.75 -14.89 -19.91
C ASP A 177 1.95 -14.13 -18.61
N HIS A 178 1.21 -14.47 -17.56
CA HIS A 178 1.19 -13.66 -16.34
C HIS A 178 1.67 -14.38 -15.09
N LEU A 179 1.74 -15.71 -15.09
CA LEU A 179 2.22 -16.44 -13.93
C LEU A 179 3.54 -17.15 -14.15
N GLU A 180 3.78 -17.68 -15.35
CA GLU A 180 5.06 -18.31 -15.65
C GLU A 180 6.24 -17.39 -15.36
N PRO A 181 6.22 -16.07 -15.73
CA PRO A 181 7.28 -15.16 -15.24
C PRO A 181 7.55 -15.34 -13.76
N TRP A 182 6.53 -15.16 -12.92
CA TRP A 182 6.72 -15.26 -11.48
C TRP A 182 7.17 -16.66 -11.07
N ILE A 183 6.78 -17.69 -11.82
CA ILE A 183 7.23 -19.05 -11.51
C ILE A 183 8.75 -19.13 -11.52
N GLN A 184 9.38 -18.60 -12.58
CA GLN A 184 10.82 -18.73 -12.74
C GLN A 184 11.59 -17.89 -11.73
N GLU A 185 11.12 -16.66 -11.45
CA GLU A 185 11.84 -15.79 -10.52
C GLU A 185 11.80 -16.29 -9.08
N ASN A 186 11.00 -17.32 -8.79
CA ASN A 186 10.89 -17.85 -7.44
C ASN A 186 11.32 -19.32 -7.37
N GLY A 187 12.15 -19.75 -8.31
CA GLY A 187 12.73 -21.07 -8.30
C GLY A 187 12.03 -22.10 -9.16
N GLY A 188 10.99 -21.71 -9.90
CA GLY A 188 10.29 -22.65 -10.74
C GLY A 188 9.31 -23.51 -9.96
N TRP A 189 8.77 -24.51 -10.67
CA TRP A 189 7.84 -25.45 -10.04
C TRP A 189 8.53 -26.37 -9.04
N ASP A 190 9.87 -26.37 -8.99
CA ASP A 190 10.57 -27.18 -8.00
C ASP A 190 10.36 -26.65 -6.59
N THR A 191 10.12 -25.35 -6.45
CA THR A 191 9.83 -24.79 -5.13
C THR A 191 8.45 -25.21 -4.64
N PHE A 192 7.49 -25.34 -5.56
CA PHE A 192 6.14 -25.75 -5.18
C PHE A 192 6.13 -27.15 -4.57
N VAL A 193 6.88 -28.08 -5.16
CA VAL A 193 6.98 -29.42 -4.59
C VAL A 193 7.88 -29.45 -3.36
N GLU A 194 8.76 -28.47 -3.21
CA GLU A 194 9.57 -28.37 -2.00
C GLU A 194 8.72 -27.95 -0.81
N LEU A 195 7.75 -27.06 -1.05
CA LEU A 195 6.89 -26.53 0.00
C LEU A 195 5.64 -27.39 0.21
N TYR A 196 5.05 -27.89 -0.86
CA TYR A 196 3.86 -28.74 -0.82
C TYR A 196 4.27 -30.11 -1.34
N GLY A 197 4.95 -30.88 -0.49
CA GLY A 197 5.49 -32.17 -0.92
C GLY A 197 5.03 -33.36 -0.11
N ASN A 198 4.30 -33.11 0.97
CA ASN A 198 3.82 -34.18 1.83
C ASN A 198 2.35 -33.98 2.20
N SER B 3 -16.24 5.53 27.24
CA SER B 3 -16.04 5.63 28.68
C SER B 3 -16.46 4.34 29.38
N GLN B 4 -17.63 4.37 30.02
CA GLN B 4 -18.16 3.20 30.71
C GLN B 4 -19.03 2.32 29.81
N SER B 5 -19.60 2.89 28.75
CA SER B 5 -20.39 2.09 27.82
C SER B 5 -19.51 1.09 27.08
N ASN B 6 -18.23 1.40 26.89
CA ASN B 6 -17.31 0.44 26.30
C ASN B 6 -17.03 -0.72 27.25
N ARG B 7 -16.80 -0.41 28.53
CA ARG B 7 -16.68 -1.48 29.52
C ARG B 7 -17.99 -2.24 29.64
N GLU B 8 -19.12 -1.56 29.50
CA GLU B 8 -20.41 -2.22 29.46
C GLU B 8 -20.49 -3.20 28.28
N LEU B 9 -19.93 -2.81 27.14
CA LEU B 9 -19.95 -3.69 25.98
C LEU B 9 -18.96 -4.84 26.15
N VAL B 10 -17.79 -4.58 26.73
CA VAL B 10 -16.79 -5.62 26.90
C VAL B 10 -17.24 -6.64 27.93
N VAL B 11 -17.78 -6.17 29.05
CA VAL B 11 -18.22 -7.09 30.11
C VAL B 11 -19.37 -7.97 29.61
N ASP B 12 -20.27 -7.40 28.81
CA ASP B 12 -21.40 -8.17 28.30
C ASP B 12 -20.93 -9.27 27.35
N PHE B 13 -20.01 -8.94 26.44
CA PHE B 13 -19.53 -9.95 25.50
C PHE B 13 -18.76 -11.06 26.21
N LEU B 14 -17.92 -10.69 27.18
CA LEU B 14 -17.18 -11.71 27.93
C LEU B 14 -18.12 -12.54 28.80
N SER B 15 -19.18 -11.93 29.33
CA SER B 15 -20.18 -12.69 30.07
C SER B 15 -20.87 -13.71 29.16
N TYR B 16 -21.10 -13.34 27.91
CA TYR B 16 -21.79 -14.23 26.97
C TYR B 16 -20.87 -15.37 26.54
N LYS B 17 -19.61 -15.06 26.23
CA LYS B 17 -18.69 -16.10 25.78
C LYS B 17 -18.30 -17.04 26.91
N LEU B 18 -18.23 -16.53 28.14
CA LEU B 18 -17.93 -17.40 29.27
C LEU B 18 -19.09 -18.33 29.60
N SER B 19 -20.33 -17.90 29.30
CA SER B 19 -21.50 -18.73 29.59
C SER B 19 -21.66 -19.88 28.61
N GLN B 20 -21.10 -19.77 27.39
CA GLN B 20 -21.23 -20.85 26.41
C GLN B 20 -20.46 -22.09 26.82
N LYS B 21 -19.55 -21.99 27.78
CA LYS B 21 -18.83 -23.15 28.30
C LYS B 21 -19.13 -23.40 29.77
N GLY B 22 -20.19 -22.80 30.30
CA GLY B 22 -20.62 -23.06 31.66
C GLY B 22 -19.99 -22.21 32.74
N TYR B 23 -19.23 -21.19 32.37
CA TYR B 23 -18.58 -20.34 33.36
C TYR B 23 -19.46 -19.14 33.69
N SER B 24 -19.35 -18.68 34.94
CA SER B 24 -20.10 -17.53 35.42
C SER B 24 -19.16 -16.33 35.54
N TRP B 25 -19.66 -15.15 35.14
CA TRP B 25 -18.82 -13.95 35.15
C TRP B 25 -18.44 -13.55 36.56
N SER B 26 -19.39 -13.58 37.50
CA SER B 26 -19.13 -13.15 38.87
C SER B 26 -18.17 -14.07 39.60
N GLN B 27 -17.90 -15.27 39.06
CA GLN B 27 -16.95 -16.16 39.70
C GLN B 27 -15.52 -15.65 39.64
N PHE B 28 -15.24 -14.71 38.73
CA PHE B 28 -13.91 -14.11 38.60
C PHE B 28 -13.87 -12.64 38.97
N SER B 29 -14.91 -11.89 38.65
CA SER B 29 -14.95 -10.46 38.97
C SER B 29 -16.31 -10.07 39.54
N MET B 84 -25.19 -0.79 25.26
CA MET B 84 -26.61 -0.67 24.90
C MET B 84 -27.14 -2.02 24.41
N ALA B 85 -28.44 -2.23 24.58
CA ALA B 85 -29.04 -3.54 24.32
C ALA B 85 -28.87 -3.95 22.86
N ALA B 86 -29.25 -3.07 21.93
CA ALA B 86 -29.15 -3.42 20.51
C ALA B 86 -27.71 -3.65 20.09
N VAL B 87 -26.77 -2.87 20.65
CA VAL B 87 -25.36 -3.07 20.32
C VAL B 87 -24.83 -4.36 20.94
N LYS B 88 -25.37 -4.76 22.09
CA LYS B 88 -24.90 -5.98 22.74
C LYS B 88 -25.36 -7.22 21.98
N GLN B 89 -26.64 -7.28 21.63
CA GLN B 89 -27.16 -8.46 20.93
C GLN B 89 -26.60 -8.57 19.52
N ALA B 90 -26.41 -7.43 18.85
CA ALA B 90 -25.83 -7.46 17.51
C ALA B 90 -24.40 -7.98 17.55
N LEU B 91 -23.62 -7.53 18.54
CA LEU B 91 -22.26 -8.03 18.69
C LEU B 91 -22.24 -9.48 19.15
N ARG B 92 -23.26 -9.90 19.90
CA ARG B 92 -23.33 -11.28 20.36
C ARG B 92 -23.56 -12.24 19.20
N GLU B 93 -24.47 -11.89 18.29
CA GLU B 93 -24.73 -12.76 17.15
C GLU B 93 -23.60 -12.69 16.13
N ALA B 94 -23.07 -11.49 15.88
CA ALA B 94 -21.93 -11.37 14.99
C ALA B 94 -20.69 -12.03 15.57
N GLY B 95 -20.51 -11.97 16.89
CA GLY B 95 -19.41 -12.66 17.53
C GLY B 95 -19.55 -14.16 17.48
N ASP B 96 -20.78 -14.67 17.52
CA ASP B 96 -21.02 -16.10 17.37
C ASP B 96 -20.74 -16.54 15.94
N GLU B 97 -21.23 -15.78 14.96
CA GLU B 97 -21.01 -16.12 13.56
C GLU B 97 -19.52 -16.13 13.21
N PHE B 98 -18.73 -15.31 13.89
CA PHE B 98 -17.31 -15.23 13.58
C PHE B 98 -16.56 -16.46 14.05
N GLU B 99 -16.83 -16.92 15.27
CA GLU B 99 -16.13 -18.09 15.80
C GLU B 99 -16.52 -19.36 15.06
N LEU B 100 -17.75 -19.44 14.56
CA LEU B 100 -18.14 -20.59 13.75
C LEU B 100 -17.37 -20.63 12.44
N ARG B 101 -17.23 -19.48 11.78
CA ARG B 101 -16.45 -19.43 10.55
C ARG B 101 -14.97 -19.70 10.80
N TYR B 102 -14.46 -19.22 11.94
CA TYR B 102 -13.04 -19.41 12.23
C TYR B 102 -12.72 -20.86 12.55
N ARG B 103 -13.56 -21.53 13.34
CA ARG B 103 -13.34 -22.93 13.64
C ARG B 103 -13.51 -23.79 12.40
N ARG B 104 -14.45 -23.43 11.53
CA ARG B 104 -14.65 -24.18 10.29
C ARG B 104 -13.47 -24.01 9.34
N ALA B 105 -12.96 -22.79 9.21
CA ALA B 105 -11.94 -22.51 8.22
C ALA B 105 -10.56 -22.97 8.66
N PHE B 106 -10.16 -22.61 9.87
CA PHE B 106 -8.77 -22.79 10.28
C PHE B 106 -8.62 -23.70 11.49
N SER B 107 -8.89 -23.19 12.68
CA SER B 107 -8.64 -23.94 13.91
C SER B 107 -9.36 -23.25 15.05
N ASP B 108 -9.10 -23.72 16.28
CA ASP B 108 -9.51 -22.99 17.46
C ASP B 108 -8.70 -21.70 17.57
N LEU B 109 -9.31 -20.69 18.18
CA LEU B 109 -8.69 -19.37 18.24
C LEU B 109 -7.58 -19.30 19.28
N THR B 110 -7.57 -20.18 20.28
CA THR B 110 -6.60 -20.07 21.37
C THR B 110 -5.97 -21.38 21.81
N SER B 111 -6.51 -22.55 21.44
CA SER B 111 -5.94 -23.81 21.91
C SER B 111 -4.53 -24.02 21.37
N GLN B 112 -4.23 -23.49 20.17
CA GLN B 112 -2.88 -23.57 19.64
C GLN B 112 -1.98 -22.50 20.25
N LEU B 113 -2.55 -21.39 20.71
CA LEU B 113 -1.79 -20.39 21.43
C LEU B 113 -1.39 -20.94 22.79
N HIS B 114 -0.08 -20.96 23.06
CA HIS B 114 0.44 -21.44 24.34
C HIS B 114 0.58 -20.25 25.27
N ILE B 115 -0.51 -19.92 25.96
CA ILE B 115 -0.58 -18.72 26.78
C ILE B 115 -0.14 -19.05 28.21
N THR B 116 0.50 -18.08 28.84
CA THR B 116 0.93 -18.14 30.23
C THR B 116 0.68 -16.78 30.86
N PRO B 117 0.49 -16.72 32.19
CA PRO B 117 0.22 -15.43 32.83
C PRO B 117 1.28 -14.37 32.56
N GLY B 118 2.53 -14.78 32.30
CA GLY B 118 3.56 -13.82 31.98
C GLY B 118 3.48 -13.29 30.57
N THR B 119 2.94 -14.08 29.64
CA THR B 119 2.80 -13.70 28.25
C THR B 119 1.34 -13.49 27.85
N ALA B 120 0.50 -13.06 28.80
CA ALA B 120 -0.92 -12.84 28.53
C ALA B 120 -1.09 -11.58 27.67
N TYR B 121 -0.80 -10.41 28.26
CA TYR B 121 -0.87 -9.17 27.49
C TYR B 121 0.16 -9.17 26.37
N GLN B 122 1.29 -9.84 26.57
CA GLN B 122 2.32 -9.90 25.53
C GLN B 122 1.80 -10.55 24.26
N SER B 123 0.84 -11.47 24.38
CA SER B 123 0.19 -12.06 23.22
C SER B 123 -1.04 -11.27 22.79
N PHE B 124 -1.71 -10.61 23.73
CA PHE B 124 -2.89 -9.82 23.39
C PHE B 124 -2.51 -8.58 22.60
N GLU B 125 -1.39 -7.94 22.95
CA GLU B 125 -1.02 -6.69 22.30
C GLU B 125 -0.51 -6.91 20.89
N GLN B 126 0.17 -8.04 20.64
CA GLN B 126 0.71 -8.29 19.31
C GLN B 126 -0.36 -8.73 18.32
N VAL B 127 -1.50 -9.21 18.80
CA VAL B 127 -2.58 -9.63 17.92
C VAL B 127 -3.50 -8.46 17.57
N VAL B 128 -3.87 -7.65 18.56
CA VAL B 128 -4.75 -6.53 18.30
C VAL B 128 -4.01 -5.43 17.54
N ASN B 129 -2.70 -5.32 17.72
CA ASN B 129 -1.94 -4.33 16.95
C ASN B 129 -1.80 -4.76 15.50
N GLU B 130 -1.53 -6.05 15.27
CA GLU B 130 -1.46 -6.54 13.89
C GLU B 130 -2.82 -6.50 13.22
N LEU B 131 -3.88 -6.87 13.96
CA LEU B 131 -5.22 -6.87 13.38
C LEU B 131 -5.63 -5.47 12.93
N PHE B 132 -5.29 -4.45 13.72
CA PHE B 132 -5.63 -3.06 13.40
C PHE B 132 -4.40 -2.28 12.92
N ARG B 133 -3.44 -2.97 12.29
CA ARG B 133 -2.24 -2.30 11.82
C ARG B 133 -2.52 -1.41 10.62
N ASP B 134 -3.31 -1.91 9.66
CA ASP B 134 -3.56 -1.22 8.41
C ASP B 134 -5.02 -0.79 8.26
N GLY B 135 -5.63 -0.34 9.35
CA GLY B 135 -6.97 0.19 9.31
C GLY B 135 -7.90 -0.53 10.27
N VAL B 136 -9.12 0.01 10.37
CA VAL B 136 -10.15 -0.51 11.25
C VAL B 136 -11.47 -0.53 10.49
N ASN B 137 -12.23 -1.62 10.65
CA ASN B 137 -13.58 -1.71 10.12
C ASN B 137 -14.44 -2.46 11.12
N TRP B 138 -15.74 -2.57 10.81
CA TRP B 138 -16.66 -3.23 11.73
C TRP B 138 -16.34 -4.71 11.87
N GLY B 139 -15.99 -5.38 10.76
CA GLY B 139 -15.66 -6.79 10.84
C GLY B 139 -14.40 -7.05 11.63
N ARG B 140 -13.41 -6.15 11.51
CA ARG B 140 -12.19 -6.29 12.30
C ARG B 140 -12.44 -6.03 13.78
N ILE B 141 -13.44 -5.19 14.10
CA ILE B 141 -13.82 -4.98 15.49
C ILE B 141 -14.53 -6.22 16.03
N VAL B 142 -15.35 -6.86 15.19
CA VAL B 142 -15.96 -8.13 15.59
C VAL B 142 -14.89 -9.17 15.86
N ALA B 143 -13.82 -9.17 15.04
CA ALA B 143 -12.69 -10.06 15.31
C ALA B 143 -11.99 -9.69 16.60
N PHE B 144 -11.98 -8.40 16.94
CA PHE B 144 -11.34 -7.98 18.19
C PHE B 144 -12.09 -8.51 19.40
N PHE B 145 -13.42 -8.48 19.36
CA PHE B 145 -14.20 -8.99 20.48
C PHE B 145 -14.14 -10.51 20.56
N SER B 146 -14.23 -11.18 19.41
CA SER B 146 -14.18 -12.64 19.41
CA SER B 146 -14.18 -12.64 19.41
C SER B 146 -12.83 -13.17 19.88
N PHE B 147 -11.75 -12.46 19.57
CA PHE B 147 -10.42 -12.89 20.02
C PHE B 147 -10.29 -12.77 21.52
N GLY B 148 -10.58 -11.57 22.06
CA GLY B 148 -10.52 -11.38 23.49
C GLY B 148 -11.51 -12.24 24.25
N GLY B 149 -12.66 -12.54 23.62
CA GLY B 149 -13.60 -13.46 24.24
C GLY B 149 -13.03 -14.86 24.35
N ALA B 150 -12.47 -15.38 23.26
CA ALA B 150 -11.83 -16.68 23.28
C ALA B 150 -10.58 -16.71 24.15
N LEU B 151 -10.00 -15.53 24.46
CA LEU B 151 -8.84 -15.49 25.34
C LEU B 151 -9.24 -15.76 26.78
N CYS B 152 -10.34 -15.17 27.25
CA CYS B 152 -10.81 -15.42 28.61
C CYS B 152 -11.26 -16.87 28.77
N VAL B 153 -11.87 -17.45 27.72
CA VAL B 153 -12.31 -18.83 27.79
C VAL B 153 -11.12 -19.77 27.98
N GLU B 154 -10.02 -19.50 27.26
CA GLU B 154 -8.82 -20.32 27.44
C GLU B 154 -8.15 -20.04 28.79
N SER B 155 -8.28 -18.82 29.31
CA SER B 155 -7.71 -18.51 30.61
C SER B 155 -8.36 -19.33 31.71
N VAL B 156 -9.68 -19.48 31.66
CA VAL B 156 -10.36 -20.32 32.65
C VAL B 156 -10.11 -21.79 32.36
N ASP B 157 -10.02 -22.15 31.08
CA ASP B 157 -9.74 -23.54 30.71
C ASP B 157 -8.35 -23.98 31.13
N LYS B 158 -7.43 -23.05 31.34
CA LYS B 158 -6.05 -23.37 31.72
C LYS B 158 -5.74 -23.00 33.16
N GLU B 159 -6.77 -22.74 33.98
CA GLU B 159 -6.62 -22.43 35.40
C GLU B 159 -5.80 -21.15 35.62
N MET B 160 -6.11 -20.13 34.81
CA MET B 160 -5.54 -18.79 34.98
C MET B 160 -6.64 -17.74 34.96
N GLN B 161 -7.74 -18.00 35.67
CA GLN B 161 -8.91 -17.15 35.64
C GLN B 161 -8.66 -15.77 36.25
N VAL B 162 -7.44 -15.52 36.71
CA VAL B 162 -7.07 -14.16 37.09
C VAL B 162 -6.87 -13.29 35.87
N LEU B 163 -6.75 -13.89 34.69
CA LEU B 163 -6.58 -13.14 33.45
C LEU B 163 -7.89 -12.64 32.88
N VAL B 164 -9.03 -13.09 33.40
CA VAL B 164 -10.32 -12.67 32.85
C VAL B 164 -10.54 -11.18 33.11
N SER B 165 -10.31 -10.74 34.35
CA SER B 165 -10.44 -9.32 34.65
C SER B 165 -9.36 -8.50 33.97
N ARG B 166 -8.20 -9.11 33.70
CA ARG B 166 -7.12 -8.39 33.03
C ARG B 166 -7.44 -8.20 31.55
N ILE B 167 -7.89 -9.27 30.88
CA ILE B 167 -8.26 -9.16 29.47
C ILE B 167 -9.44 -8.21 29.30
N ALA B 168 -10.37 -8.24 30.26
CA ALA B 168 -11.50 -7.32 30.22
C ALA B 168 -11.05 -5.87 30.28
N ALA B 169 -9.99 -5.60 31.04
CA ALA B 169 -9.47 -4.25 31.13
C ALA B 169 -8.61 -3.88 29.92
N TRP B 170 -7.89 -4.86 29.34
CA TRP B 170 -7.07 -4.58 28.17
C TRP B 170 -7.94 -4.28 26.96
N MET B 171 -9.06 -4.99 26.80
CA MET B 171 -9.94 -4.73 25.67
C MET B 171 -10.65 -3.38 25.82
N ALA B 172 -11.13 -3.07 27.03
CA ALA B 172 -11.82 -1.80 27.24
C ALA B 172 -10.87 -0.62 27.08
N THR B 173 -9.58 -0.81 27.40
CA THR B 173 -8.62 0.27 27.22
C THR B 173 -8.30 0.48 25.74
N TYR B 174 -8.12 -0.60 24.98
CA TYR B 174 -7.87 -0.47 23.55
C TYR B 174 -9.10 0.06 22.82
N LEU B 175 -10.30 -0.27 23.31
CA LEU B 175 -11.51 0.25 22.70
C LEU B 175 -11.59 1.77 22.81
N ASN B 176 -11.34 2.29 24.02
CA ASN B 176 -11.42 3.73 24.24
C ASN B 176 -10.31 4.48 23.53
N ASP B 177 -9.07 3.97 23.64
CA ASP B 177 -7.92 4.74 23.20
C ASP B 177 -7.72 4.68 21.69
N HIS B 178 -7.96 3.53 21.08
CA HIS B 178 -7.60 3.32 19.68
C HIS B 178 -8.80 3.05 18.77
N LEU B 179 -9.82 2.34 19.25
CA LEU B 179 -10.94 2.01 18.40
C LEU B 179 -12.09 3.00 18.50
N GLU B 180 -12.29 3.61 19.67
CA GLU B 180 -13.37 4.58 19.82
C GLU B 180 -13.28 5.76 18.85
N PRO B 181 -12.11 6.33 18.54
CA PRO B 181 -12.08 7.38 17.51
C PRO B 181 -12.68 6.94 16.19
N TRP B 182 -12.33 5.74 15.70
CA TRP B 182 -12.88 5.26 14.44
C TRP B 182 -14.38 5.02 14.55
N ILE B 183 -14.88 4.64 15.73
CA ILE B 183 -16.30 4.39 15.91
C ILE B 183 -17.09 5.68 15.65
N GLN B 184 -16.66 6.78 16.26
CA GLN B 184 -17.39 8.04 16.12
C GLN B 184 -17.32 8.60 14.70
N GLU B 185 -16.19 8.38 14.00
CA GLU B 185 -16.05 8.89 12.65
C GLU B 185 -16.85 8.09 11.63
N ASN B 186 -17.54 7.03 12.03
CA ASN B 186 -18.31 6.20 11.11
C ASN B 186 -19.75 6.02 11.58
N GLY B 187 -20.28 7.01 12.29
CA GLY B 187 -21.65 6.98 12.74
C GLY B 187 -21.88 6.38 14.11
N GLY B 188 -20.82 6.01 14.83
CA GLY B 188 -20.99 5.39 16.12
C GLY B 188 -21.51 3.97 16.01
N TRP B 189 -21.90 3.43 17.18
CA TRP B 189 -22.46 2.09 17.23
C TRP B 189 -23.83 1.98 16.58
N ASP B 190 -24.44 3.12 16.21
CA ASP B 190 -25.73 3.07 15.53
C ASP B 190 -25.60 2.44 14.16
N THR B 191 -24.48 2.69 13.48
CA THR B 191 -24.25 2.09 12.16
C THR B 191 -24.04 0.58 12.28
N PHE B 192 -23.39 0.14 13.35
CA PHE B 192 -23.17 -1.29 13.55
C PHE B 192 -24.48 -2.04 13.69
N VAL B 193 -25.47 -1.41 14.32
CA VAL B 193 -26.80 -2.03 14.42
C VAL B 193 -27.50 -2.00 13.05
N GLU B 194 -27.21 -0.98 12.24
CA GLU B 194 -27.79 -0.93 10.90
C GLU B 194 -27.28 -2.06 10.02
N LEU B 195 -26.05 -2.51 10.24
CA LEU B 195 -25.41 -3.51 9.38
C LEU B 195 -25.55 -4.93 9.91
N TYR B 196 -25.41 -5.13 11.23
CA TYR B 196 -25.46 -6.45 11.84
C TYR B 196 -26.62 -6.56 12.82
N GLY B 197 -27.76 -5.98 12.47
CA GLY B 197 -28.89 -5.88 13.37
C GLY B 197 -29.98 -6.90 13.22
N ASN B 198 -29.74 -7.99 12.49
CA ASN B 198 -30.75 -9.04 12.33
C ASN B 198 -30.12 -10.42 12.41
N SER C 3 -13.00 -0.39 -14.40
CA SER C 3 -11.90 0.36 -14.99
C SER C 3 -12.43 1.36 -16.03
N GLN C 4 -13.36 0.89 -16.86
CA GLN C 4 -13.96 1.77 -17.86
C GLN C 4 -14.97 2.71 -17.21
N SER C 5 -15.71 2.24 -16.21
CA SER C 5 -16.62 3.11 -15.48
C SER C 5 -15.85 4.14 -14.65
N ASN C 6 -14.64 3.80 -14.21
CA ASN C 6 -13.83 4.75 -13.48
C ASN C 6 -13.38 5.90 -14.38
N ARG C 7 -12.91 5.58 -15.59
CA ARG C 7 -12.54 6.62 -16.54
C ARG C 7 -13.75 7.42 -16.98
N GLU C 8 -14.91 6.78 -17.11
CA GLU C 8 -16.13 7.50 -17.44
C GLU C 8 -16.59 8.38 -16.28
N LEU C 9 -16.31 7.97 -15.04
CA LEU C 9 -16.61 8.82 -13.90
C LEU C 9 -15.74 10.06 -13.87
N VAL C 10 -14.45 9.91 -14.17
CA VAL C 10 -13.53 11.04 -14.12
C VAL C 10 -13.88 12.07 -15.19
N VAL C 11 -14.14 11.62 -16.41
CA VAL C 11 -14.44 12.54 -17.51
C VAL C 11 -15.70 13.34 -17.22
N ASP C 12 -16.71 12.70 -16.63
CA ASP C 12 -17.96 13.40 -16.33
C ASP C 12 -17.74 14.51 -15.31
N PHE C 13 -17.06 14.19 -14.20
CA PHE C 13 -16.82 15.19 -13.17
C PHE C 13 -15.95 16.34 -13.69
N LEU C 14 -14.98 16.02 -14.55
CA LEU C 14 -14.13 17.07 -15.11
C LEU C 14 -14.89 17.93 -16.11
N SER C 15 -15.76 17.31 -16.92
CA SER C 15 -16.59 18.10 -17.83
C SER C 15 -17.60 18.95 -17.06
N TYR C 16 -18.07 18.47 -15.92
CA TYR C 16 -18.99 19.25 -15.09
C TYR C 16 -18.30 20.48 -14.53
N LYS C 17 -17.16 20.29 -13.87
CA LYS C 17 -16.45 21.43 -13.27
C LYS C 17 -15.96 22.40 -14.34
N LEU C 18 -15.55 21.87 -15.50
CA LEU C 18 -15.16 22.74 -16.60
C LEU C 18 -16.34 23.52 -17.16
N SER C 19 -17.54 22.92 -17.12
CA SER C 19 -18.72 23.62 -17.62
C SER C 19 -19.14 24.76 -16.71
N GLN C 20 -18.84 24.66 -15.42
CA GLN C 20 -19.21 25.72 -14.49
C GLN C 20 -18.42 27.00 -14.75
N LYS C 21 -17.19 26.88 -15.26
CA LYS C 21 -16.38 28.03 -15.61
C LYS C 21 -16.50 28.40 -17.09
N GLY C 22 -17.50 27.88 -17.78
CA GLY C 22 -17.75 28.23 -19.16
C GLY C 22 -16.92 27.48 -20.19
N TYR C 23 -16.24 26.42 -19.80
CA TYR C 23 -15.41 25.65 -20.71
C TYR C 23 -16.13 24.37 -21.13
N SER C 24 -15.77 23.88 -22.32
CA SER C 24 -16.34 22.65 -22.85
C SER C 24 -15.27 21.56 -22.84
N TRP C 25 -15.71 20.31 -22.65
CA TRP C 25 -14.77 19.21 -22.53
C TRP C 25 -14.16 18.86 -23.89
N SER C 26 -14.97 18.79 -24.94
CA SER C 26 -14.49 18.34 -26.24
C SER C 26 -13.52 19.32 -26.89
N GLN C 27 -13.51 20.59 -26.46
CA GLN C 27 -12.58 21.56 -27.01
C GLN C 27 -11.13 21.28 -26.62
N PHE C 28 -10.89 20.36 -25.68
CA PHE C 28 -9.55 20.03 -25.22
C PHE C 28 -9.13 18.62 -25.62
N SER C 29 -9.98 17.63 -25.38
CA SER C 29 -9.66 16.25 -25.72
C SER C 29 -10.68 15.67 -26.69
N MET C 84 -25.92 4.32 -12.81
CA MET C 84 -24.64 4.99 -12.98
C MET C 84 -24.84 6.51 -13.00
N ALA C 85 -25.96 6.93 -13.60
CA ALA C 85 -26.30 8.36 -13.60
C ALA C 85 -26.51 8.88 -12.17
N ALA C 86 -26.97 8.02 -11.26
CA ALA C 86 -27.08 8.40 -9.86
C ALA C 86 -25.70 8.57 -9.24
N VAL C 87 -24.72 7.78 -9.68
CA VAL C 87 -23.35 7.96 -9.20
C VAL C 87 -22.76 9.25 -9.73
N LYS C 88 -23.06 9.59 -10.99
CA LYS C 88 -22.64 10.88 -11.53
C LYS C 88 -23.27 12.03 -10.76
N GLN C 89 -24.60 11.99 -10.60
CA GLN C 89 -25.30 13.09 -9.95
C GLN C 89 -24.87 13.24 -8.48
N ALA C 90 -24.71 12.12 -7.77
CA ALA C 90 -24.30 12.20 -6.37
C ALA C 90 -22.90 12.79 -6.24
N LEU C 91 -21.96 12.32 -7.08
CA LEU C 91 -20.61 12.85 -7.03
C LEU C 91 -20.55 14.30 -7.47
N ARG C 92 -21.47 14.73 -8.34
CA ARG C 92 -21.49 16.12 -8.77
C ARG C 92 -21.91 17.04 -7.62
N GLU C 93 -22.97 16.67 -6.91
CA GLU C 93 -23.44 17.50 -5.79
C GLU C 93 -22.44 17.49 -4.64
N ALA C 94 -21.78 16.35 -4.41
CA ALA C 94 -20.79 16.29 -3.36
C ALA C 94 -19.57 17.16 -3.69
N GLY C 95 -19.16 17.15 -4.95
CA GLY C 95 -18.03 18.00 -5.35
C GLY C 95 -18.35 19.47 -5.31
N ASP C 96 -19.61 19.84 -5.59
CA ASP C 96 -20.01 21.24 -5.52
C ASP C 96 -20.00 21.73 -4.08
N GLU C 97 -20.62 20.96 -3.17
CA GLU C 97 -20.65 21.35 -1.76
C GLU C 97 -19.25 21.41 -1.18
N PHE C 98 -18.39 20.46 -1.54
CA PHE C 98 -17.04 20.43 -1.00
C PHE C 98 -16.24 21.65 -1.46
N GLU C 99 -16.25 21.94 -2.77
CA GLU C 99 -15.51 23.08 -3.28
C GLU C 99 -16.06 24.39 -2.72
N LEU C 100 -17.38 24.47 -2.56
CA LEU C 100 -17.97 25.64 -1.92
C LEU C 100 -17.56 25.73 -0.45
N ARG C 101 -17.48 24.59 0.23
CA ARG C 101 -17.03 24.57 1.62
C ARG C 101 -15.56 24.94 1.72
N TYR C 102 -14.75 24.52 0.74
CA TYR C 102 -13.33 24.84 0.77
C TYR C 102 -13.08 26.33 0.55
N ARG C 103 -13.80 26.93 -0.40
CA ARG C 103 -13.60 28.35 -0.69
C ARG C 103 -14.00 29.21 0.49
N ARG C 104 -15.09 28.84 1.18
CA ARG C 104 -15.51 29.59 2.36
C ARG C 104 -14.50 29.46 3.49
N ALA C 105 -14.04 28.23 3.76
CA ALA C 105 -13.19 27.98 4.91
C ALA C 105 -11.81 28.58 4.72
N PHE C 106 -11.16 28.27 3.60
CA PHE C 106 -9.73 28.56 3.45
C PHE C 106 -9.47 29.49 2.26
N SER C 107 -9.55 28.98 1.03
CA SER C 107 -9.17 29.76 -0.14
C SER C 107 -9.67 29.03 -1.39
N ASP C 108 -9.30 29.56 -2.56
CA ASP C 108 -9.43 28.80 -3.79
C ASP C 108 -8.49 27.60 -3.72
N LEU C 109 -8.89 26.52 -4.39
CA LEU C 109 -8.13 25.27 -4.28
C LEU C 109 -6.77 25.37 -4.95
N THR C 110 -6.72 25.86 -6.19
CA THR C 110 -5.52 25.77 -7.01
C THR C 110 -4.91 27.13 -7.36
N SER C 111 -5.47 28.24 -6.86
CA SER C 111 -4.93 29.55 -7.21
C SER C 111 -3.55 29.75 -6.57
N GLN C 112 -3.43 29.45 -5.28
CA GLN C 112 -2.13 29.51 -4.62
C GLN C 112 -1.15 28.49 -5.19
N LEU C 113 -1.65 27.43 -5.82
CA LEU C 113 -0.83 26.41 -6.46
C LEU C 113 -0.22 27.00 -7.71
N HIS C 114 1.05 27.43 -7.64
CA HIS C 114 1.76 27.96 -8.80
C HIS C 114 2.13 26.78 -9.70
N ILE C 115 1.17 26.35 -10.50
CA ILE C 115 1.34 25.17 -11.34
C ILE C 115 1.82 25.59 -12.73
N THR C 116 2.58 24.69 -13.34
CA THR C 116 3.07 24.83 -14.71
C THR C 116 3.04 23.45 -15.36
N PRO C 117 3.04 23.39 -16.71
CA PRO C 117 2.99 22.09 -17.38
C PRO C 117 4.05 21.09 -16.92
N GLY C 118 5.14 21.58 -16.33
CA GLY C 118 6.18 20.71 -15.83
C GLY C 118 6.02 20.37 -14.36
N THR C 119 5.33 21.22 -13.61
CA THR C 119 5.12 21.06 -12.19
C THR C 119 3.76 20.42 -11.87
N ALA C 120 2.96 20.14 -12.89
CA ALA C 120 1.59 19.69 -12.66
C ALA C 120 1.54 18.35 -11.94
N TYR C 121 2.22 17.34 -12.51
CA TYR C 121 2.09 15.99 -11.97
C TYR C 121 2.73 15.86 -10.60
N GLN C 122 4.02 16.20 -10.49
CA GLN C 122 4.74 15.97 -9.24
C GLN C 122 4.28 16.87 -8.11
N SER C 123 3.32 17.78 -8.36
CA SER C 123 2.57 18.42 -7.30
C SER C 123 1.21 17.77 -7.10
N PHE C 124 0.62 17.21 -8.16
CA PHE C 124 -0.60 16.42 -8.02
C PHE C 124 -0.34 15.17 -7.20
N GLU C 125 0.75 14.45 -7.49
CA GLU C 125 1.06 13.24 -6.75
C GLU C 125 1.37 13.53 -5.29
N GLN C 126 1.94 14.70 -5.00
CA GLN C 126 2.23 15.05 -3.61
C GLN C 126 0.95 15.27 -2.81
N VAL C 127 -0.10 15.79 -3.45
CA VAL C 127 -1.34 16.07 -2.76
C VAL C 127 -2.14 14.80 -2.54
N VAL C 128 -2.28 13.97 -3.58
CA VAL C 128 -3.11 12.77 -3.48
C VAL C 128 -2.45 11.73 -2.57
N ASN C 129 -1.12 11.60 -2.64
CA ASN C 129 -0.43 10.65 -1.77
C ASN C 129 -0.56 11.05 -0.30
N GLU C 130 -0.55 12.35 -0.03
CA GLU C 130 -0.74 12.81 1.35
C GLU C 130 -2.20 12.71 1.77
N LEU C 131 -3.13 12.95 0.83
CA LEU C 131 -4.55 12.87 1.16
C LEU C 131 -4.94 11.47 1.58
N PHE C 132 -4.37 10.45 0.94
CA PHE C 132 -4.65 9.05 1.24
C PHE C 132 -3.49 8.36 1.95
N ARG C 133 -2.64 9.13 2.64
CA ARG C 133 -1.49 8.55 3.31
C ARG C 133 -1.92 7.63 4.46
N ASP C 134 -2.91 8.06 5.25
CA ASP C 134 -3.33 7.34 6.45
C ASP C 134 -4.75 6.79 6.33
N GLY C 135 -5.15 6.39 5.14
CA GLY C 135 -6.43 5.73 4.94
C GLY C 135 -7.24 6.37 3.83
N VAL C 136 -8.36 5.71 3.52
CA VAL C 136 -9.28 6.14 2.47
C VAL C 136 -10.69 6.13 3.05
N ASN C 137 -11.47 7.15 2.71
CA ASN C 137 -12.89 7.18 3.04
C ASN C 137 -13.63 7.96 1.95
N TRP C 138 -14.96 7.93 2.05
CA TRP C 138 -15.78 8.56 1.01
C TRP C 138 -15.51 10.06 0.92
N GLY C 139 -15.44 10.74 2.06
CA GLY C 139 -15.18 12.17 2.06
C GLY C 139 -13.83 12.53 1.48
N ARG C 140 -12.83 11.66 1.68
CA ARG C 140 -11.52 11.91 1.09
C ARG C 140 -11.54 11.69 -0.41
N ILE C 141 -12.46 10.85 -0.91
CA ILE C 141 -12.58 10.64 -2.34
C ILE C 141 -13.25 11.84 -3.00
N VAL C 142 -14.28 12.40 -2.34
CA VAL C 142 -14.88 13.64 -2.81
C VAL C 142 -13.83 14.75 -2.83
N ALA C 143 -12.96 14.78 -1.82
CA ALA C 143 -11.84 15.71 -1.83
C ALA C 143 -10.90 15.42 -3.00
N PHE C 144 -10.71 14.13 -3.33
CA PHE C 144 -9.83 13.78 -4.44
C PHE C 144 -10.41 14.24 -5.77
N PHE C 145 -11.72 14.06 -5.96
CA PHE C 145 -12.35 14.49 -7.21
C PHE C 145 -12.36 16.01 -7.34
N SER C 146 -12.63 16.71 -6.24
CA SER C 146 -12.69 18.17 -6.29
CA SER C 146 -12.69 18.17 -6.29
C SER C 146 -11.32 18.76 -6.60
N PHE C 147 -10.25 18.17 -6.05
CA PHE C 147 -8.92 18.69 -6.32
C PHE C 147 -8.54 18.54 -7.78
N GLY C 148 -8.96 17.43 -8.41
CA GLY C 148 -8.67 17.26 -9.82
C GLY C 148 -9.43 18.22 -10.70
N GLY C 149 -10.71 18.45 -10.38
CA GLY C 149 -11.49 19.41 -11.16
C GLY C 149 -10.95 20.82 -11.06
N ALA C 150 -10.58 21.24 -9.85
CA ALA C 150 -9.98 22.56 -9.68
C ALA C 150 -8.64 22.65 -10.41
N LEU C 151 -7.88 21.55 -10.44
CA LEU C 151 -6.64 21.53 -11.22
C LEU C 151 -6.91 21.68 -12.71
N CYS C 152 -7.96 21.02 -13.21
CA CYS C 152 -8.29 21.12 -14.63
C CYS C 152 -8.80 22.52 -14.98
N VAL C 153 -9.62 23.11 -14.10
CA VAL C 153 -10.07 24.47 -14.33
C VAL C 153 -8.90 25.44 -14.26
N GLU C 154 -7.97 25.22 -13.32
CA GLU C 154 -6.80 26.09 -13.20
C GLU C 154 -5.92 25.99 -14.44
N SER C 155 -5.78 24.79 -15.01
CA SER C 155 -4.95 24.62 -16.19
C SER C 155 -5.50 25.41 -17.37
N VAL C 156 -6.83 25.45 -17.53
CA VAL C 156 -7.42 26.21 -18.61
C VAL C 156 -7.35 27.70 -18.32
N ASP C 157 -7.48 28.09 -17.04
CA ASP C 157 -7.39 29.49 -16.67
C ASP C 157 -5.99 30.06 -16.92
N LYS C 158 -4.96 29.22 -17.01
CA LYS C 158 -3.60 29.66 -17.23
C LYS C 158 -3.11 29.31 -18.64
N GLU C 159 -4.03 29.03 -19.56
CA GLU C 159 -3.70 28.68 -20.95
C GLU C 159 -2.75 27.48 -21.01
N MET C 160 -3.10 26.43 -20.27
CA MET C 160 -2.38 25.16 -20.26
C MET C 160 -3.33 24.02 -20.61
N GLN C 161 -4.17 24.23 -21.63
CA GLN C 161 -5.24 23.29 -21.97
C GLN C 161 -4.73 21.90 -22.33
N VAL C 162 -3.41 21.72 -22.49
CA VAL C 162 -2.86 20.39 -22.76
C VAL C 162 -2.79 19.53 -21.51
N LEU C 163 -3.12 20.08 -20.34
CA LEU C 163 -2.96 19.37 -19.08
C LEU C 163 -4.22 18.64 -18.63
N VAL C 164 -5.39 19.02 -19.15
CA VAL C 164 -6.64 18.42 -18.68
C VAL C 164 -6.69 16.94 -19.03
N SER C 165 -6.28 16.58 -20.24
CA SER C 165 -6.22 15.17 -20.60
C SER C 165 -5.18 14.42 -19.77
N ARG C 166 -4.10 15.10 -19.39
CA ARG C 166 -3.10 14.47 -18.52
C ARG C 166 -3.64 14.27 -17.12
N ILE C 167 -4.35 15.27 -16.58
CA ILE C 167 -4.90 15.15 -15.24
C ILE C 167 -5.98 14.08 -15.19
N ALA C 168 -6.80 13.98 -16.25
CA ALA C 168 -7.82 12.95 -16.30
C ALA C 168 -7.21 11.56 -16.29
N ALA C 169 -6.05 11.39 -16.92
CA ALA C 169 -5.37 10.11 -16.89
C ALA C 169 -4.75 9.85 -15.52
N TRP C 170 -4.20 10.90 -14.89
CA TRP C 170 -3.59 10.74 -13.57
C TRP C 170 -4.64 10.38 -12.53
N MET C 171 -5.84 10.95 -12.65
CA MET C 171 -6.91 10.63 -11.71
C MET C 171 -7.43 9.22 -11.94
N ALA C 172 -7.70 8.86 -13.20
CA ALA C 172 -8.23 7.54 -13.49
C ALA C 172 -7.24 6.44 -13.13
N THR C 173 -5.94 6.70 -13.31
CA THR C 173 -4.94 5.71 -12.93
C THR C 173 -4.92 5.51 -11.42
N TYR C 174 -5.01 6.60 -10.65
CA TYR C 174 -5.08 6.47 -9.19
C TYR C 174 -6.40 5.88 -8.75
N LEU C 175 -7.47 6.11 -9.51
CA LEU C 175 -8.78 5.56 -9.17
C LEU C 175 -8.77 4.04 -9.25
N ASN C 176 -8.14 3.48 -10.28
CA ASN C 176 -8.11 2.02 -10.45
C ASN C 176 -7.06 1.39 -9.55
N ASP C 177 -5.82 1.88 -9.61
CA ASP C 177 -4.70 1.20 -8.98
C ASP C 177 -4.64 1.40 -7.47
N HIS C 178 -5.30 2.41 -6.93
CA HIS C 178 -5.19 2.72 -5.51
C HIS C 178 -6.51 3.00 -4.80
N LEU C 179 -7.58 3.33 -5.52
CA LEU C 179 -8.84 3.72 -4.89
C LEU C 179 -9.93 2.67 -5.03
N GLU C 180 -9.98 1.94 -6.14
CA GLU C 180 -11.03 0.94 -6.32
C GLU C 180 -10.96 -0.20 -5.32
N PRO C 181 -9.79 -0.70 -4.90
CA PRO C 181 -9.77 -1.69 -3.80
C PRO C 181 -10.65 -1.32 -2.62
N TRP C 182 -10.49 -0.11 -2.08
CA TRP C 182 -11.32 0.32 -0.96
C TRP C 182 -12.79 0.42 -1.34
N ILE C 183 -13.10 0.60 -2.62
CA ILE C 183 -14.48 0.73 -3.04
C ILE C 183 -15.19 -0.62 -2.92
N GLN C 184 -14.56 -1.69 -3.41
CA GLN C 184 -15.21 -3.00 -3.37
C GLN C 184 -15.31 -3.55 -1.96
N GLU C 185 -14.33 -3.24 -1.10
CA GLU C 185 -14.39 -3.65 0.30
C GLU C 185 -15.29 -2.77 1.15
N ASN C 186 -16.03 -1.85 0.53
CA ASN C 186 -16.89 -0.93 1.27
C ASN C 186 -18.20 -0.70 0.52
N GLY C 187 -18.76 -1.75 -0.06
CA GLY C 187 -20.07 -1.68 -0.69
C GLY C 187 -20.09 -1.20 -2.12
N GLY C 188 -18.97 -0.72 -2.66
CA GLY C 188 -18.96 -0.20 -4.01
C GLY C 188 -19.53 1.21 -4.08
N TRP C 189 -19.67 1.68 -5.32
CA TRP C 189 -20.24 3.00 -5.54
C TRP C 189 -21.72 3.05 -5.15
N ASP C 190 -22.37 1.90 -5.00
CA ASP C 190 -23.76 1.88 -4.57
C ASP C 190 -23.90 2.45 -3.16
N THR C 191 -22.95 2.15 -2.28
CA THR C 191 -22.97 2.73 -0.94
C THR C 191 -22.78 4.24 -0.99
N PHE C 192 -22.02 4.74 -1.96
CA PHE C 192 -21.80 6.18 -2.08
C PHE C 192 -23.08 6.91 -2.46
N VAL C 193 -23.99 6.26 -3.18
CA VAL C 193 -25.21 6.93 -3.62
C VAL C 193 -26.24 6.97 -2.50
N GLU C 194 -26.40 5.88 -1.76
CA GLU C 194 -27.34 5.87 -0.64
C GLU C 194 -26.92 6.80 0.48
N LEU C 195 -25.69 7.28 0.47
CA LEU C 195 -25.19 8.21 1.48
C LEU C 195 -25.21 9.65 1.02
N TYR C 196 -25.05 9.91 -0.27
CA TYR C 196 -25.10 11.24 -0.85
C TYR C 196 -26.17 11.27 -1.93
N GLY C 197 -27.27 11.97 -1.65
CA GLY C 197 -28.36 12.08 -2.60
C GLY C 197 -29.71 11.68 -2.04
N SER D 3 9.55 -4.89 16.01
CA SER D 3 9.82 -3.47 15.95
C SER D 3 11.19 -3.14 16.51
N GLN D 4 11.48 -3.67 17.70
CA GLN D 4 12.80 -3.44 18.30
C GLN D 4 13.88 -4.25 17.61
N SER D 5 13.54 -5.44 17.12
CA SER D 5 14.52 -6.25 16.39
C SER D 5 14.84 -5.63 15.03
N ASN D 6 13.88 -4.93 14.43
CA ASN D 6 14.16 -4.24 13.17
C ASN D 6 15.16 -3.12 13.37
N ARG D 7 15.00 -2.33 14.44
CA ARG D 7 16.00 -1.32 14.77
C ARG D 7 17.33 -1.97 15.14
N GLU D 8 17.29 -3.16 15.74
CA GLU D 8 18.53 -3.87 16.06
C GLU D 8 19.22 -4.39 14.81
N LEU D 9 18.43 -4.75 13.78
CA LEU D 9 19.02 -5.19 12.52
C LEU D 9 19.67 -4.03 11.77
N VAL D 10 19.06 -2.84 11.84
CA VAL D 10 19.58 -1.70 11.10
C VAL D 10 20.89 -1.22 11.71
N VAL D 11 20.94 -1.12 13.04
CA VAL D 11 22.14 -0.61 13.71
C VAL D 11 23.32 -1.53 13.47
N ASP D 12 23.10 -2.85 13.50
CA ASP D 12 24.20 -3.78 13.30
C ASP D 12 24.76 -3.69 11.89
N PHE D 13 23.89 -3.64 10.87
CA PHE D 13 24.36 -3.55 9.50
C PHE D 13 25.07 -2.23 9.24
N LEU D 14 24.59 -1.14 9.86
CA LEU D 14 25.26 0.15 9.70
C LEU D 14 26.59 0.17 10.45
N SER D 15 26.64 -0.40 11.65
CA SER D 15 27.91 -0.52 12.35
C SER D 15 28.90 -1.39 11.59
N TYR D 16 28.38 -2.39 10.86
CA TYR D 16 29.25 -3.25 10.05
C TYR D 16 29.81 -2.49 8.85
N LYS D 17 28.93 -1.86 8.07
CA LYS D 17 29.38 -1.15 6.87
C LYS D 17 30.25 0.04 7.23
N LEU D 18 29.99 0.71 8.35
CA LEU D 18 30.86 1.80 8.77
C LEU D 18 32.21 1.29 9.25
N SER D 19 32.24 0.09 9.83
CA SER D 19 33.51 -0.47 10.29
C SER D 19 34.42 -0.84 9.12
N GLN D 20 33.84 -1.13 7.96
CA GLN D 20 34.65 -1.49 6.80
C GLN D 20 35.48 -0.31 6.30
N LYS D 21 35.00 0.93 6.51
CA LYS D 21 35.73 2.12 6.12
C LYS D 21 36.42 2.79 7.32
N GLY D 22 36.65 2.04 8.39
CA GLY D 22 37.39 2.54 9.53
C GLY D 22 36.59 3.37 10.52
N TYR D 23 35.29 3.50 10.34
CA TYR D 23 34.46 4.29 11.23
C TYR D 23 33.88 3.42 12.33
N SER D 24 33.54 4.05 13.45
CA SER D 24 32.89 3.40 14.58
C SER D 24 31.47 3.92 14.74
N TRP D 25 30.58 3.05 15.18
CA TRP D 25 29.16 3.43 15.30
C TRP D 25 28.95 4.42 16.43
N SER D 26 29.56 4.17 17.59
CA SER D 26 29.34 5.03 18.75
C SER D 26 29.95 6.42 18.60
N GLN D 27 30.77 6.66 17.57
CA GLN D 27 31.33 7.98 17.35
C GLN D 27 30.27 8.99 16.92
N PHE D 28 29.10 8.53 16.46
CA PHE D 28 28.04 9.40 16.00
C PHE D 28 26.76 9.29 16.79
N SER D 29 26.54 8.18 17.49
CA SER D 29 25.31 7.97 18.25
C SER D 29 25.56 7.05 19.45
N MET D 84 18.87 -11.26 15.92
CA MET D 84 19.39 -12.62 15.89
C MET D 84 20.74 -12.66 15.17
N ALA D 85 21.71 -13.36 15.78
CA ALA D 85 23.06 -13.38 15.24
C ALA D 85 23.10 -14.04 13.86
N ALA D 86 22.28 -15.07 13.65
CA ALA D 86 22.25 -15.72 12.34
C ALA D 86 21.66 -14.80 11.29
N VAL D 87 20.63 -14.03 11.64
CA VAL D 87 20.06 -13.07 10.71
C VAL D 87 21.04 -11.93 10.46
N LYS D 88 21.82 -11.55 11.47
CA LYS D 88 22.80 -10.48 11.31
C LYS D 88 23.91 -10.90 10.35
N GLN D 89 24.44 -12.12 10.53
CA GLN D 89 25.53 -12.60 9.69
C GLN D 89 25.09 -12.77 8.24
N ALA D 90 23.97 -13.46 8.02
CA ALA D 90 23.51 -13.70 6.66
C ALA D 90 23.23 -12.39 5.93
N LEU D 91 22.65 -11.41 6.63
CA LEU D 91 22.42 -10.11 6.01
C LEU D 91 23.72 -9.36 5.78
N ARG D 92 24.75 -9.64 6.58
CA ARG D 92 26.04 -8.96 6.40
C ARG D 92 26.74 -9.46 5.15
N GLU D 93 26.77 -10.78 4.95
CA GLU D 93 27.43 -11.33 3.77
C GLU D 93 26.68 -10.98 2.50
N ALA D 94 25.34 -11.01 2.55
CA ALA D 94 24.56 -10.64 1.37
C ALA D 94 24.74 -9.18 1.02
N GLY D 95 24.87 -8.31 2.02
CA GLY D 95 25.13 -6.91 1.76
C GLY D 95 26.51 -6.65 1.19
N ASP D 96 27.50 -7.47 1.59
CA ASP D 96 28.83 -7.34 1.03
C ASP D 96 28.86 -7.77 -0.43
N GLU D 97 28.23 -8.92 -0.73
CA GLU D 97 28.17 -9.40 -2.10
C GLU D 97 27.42 -8.44 -3.01
N PHE D 98 26.34 -7.85 -2.50
CA PHE D 98 25.55 -6.94 -3.32
C PHE D 98 26.33 -5.68 -3.67
N GLU D 99 26.93 -5.03 -2.67
CA GLU D 99 27.70 -3.83 -2.93
C GLU D 99 28.92 -4.12 -3.79
N LEU D 100 29.52 -5.30 -3.63
CA LEU D 100 30.62 -5.69 -4.49
C LEU D 100 30.13 -5.92 -5.92
N ARG D 101 28.96 -6.54 -6.06
CA ARG D 101 28.39 -6.75 -7.39
C ARG D 101 27.93 -5.44 -8.02
N TYR D 102 27.44 -4.51 -7.21
CA TYR D 102 26.97 -3.23 -7.74
C TYR D 102 28.13 -2.39 -8.25
N ARG D 103 29.24 -2.35 -7.50
CA ARG D 103 30.39 -1.56 -7.92
C ARG D 103 31.02 -2.12 -9.18
N ARG D 104 31.03 -3.45 -9.33
CA ARG D 104 31.57 -4.06 -10.53
C ARG D 104 30.69 -3.75 -11.75
N ALA D 105 29.39 -3.94 -11.61
CA ALA D 105 28.48 -3.79 -12.73
C ALA D 105 28.39 -2.32 -13.18
N PHE D 106 28.13 -1.42 -12.24
CA PHE D 106 27.73 -0.06 -12.60
C PHE D 106 28.70 0.97 -12.04
N SER D 107 28.58 1.30 -10.76
CA SER D 107 29.38 2.36 -10.17
C SER D 107 29.29 2.25 -8.65
N ASP D 108 29.89 3.23 -7.97
CA ASP D 108 29.65 3.40 -6.55
C ASP D 108 28.19 3.75 -6.32
N LEU D 109 27.66 3.33 -5.17
CA LEU D 109 26.24 3.49 -4.92
C LEU D 109 25.84 4.96 -4.79
N THR D 110 26.55 5.71 -3.94
CA THR D 110 26.12 7.05 -3.59
C THR D 110 27.15 8.13 -3.94
N SER D 111 28.19 7.81 -4.71
CA SER D 111 29.16 8.83 -5.07
C SER D 111 28.59 9.80 -6.09
N GLN D 112 27.93 9.27 -7.13
CA GLN D 112 27.23 10.12 -8.08
C GLN D 112 26.07 10.86 -7.43
N LEU D 113 25.56 10.33 -6.31
CA LEU D 113 24.49 10.99 -5.55
C LEU D 113 25.05 12.23 -4.86
N HIS D 114 24.67 13.41 -5.34
CA HIS D 114 25.09 14.66 -4.72
C HIS D 114 24.12 14.98 -3.57
N ILE D 115 24.36 14.31 -2.45
CA ILE D 115 23.49 14.41 -1.29
C ILE D 115 23.89 15.60 -0.44
N THR D 116 22.91 16.14 0.29
CA THR D 116 23.10 17.25 1.20
C THR D 116 22.17 17.03 2.38
N PRO D 117 22.48 17.59 3.56
CA PRO D 117 21.58 17.41 4.71
C PRO D 117 20.17 17.90 4.48
N GLY D 118 19.91 18.68 3.44
CA GLY D 118 18.56 19.12 3.13
C GLY D 118 17.84 18.19 2.17
N THR D 119 18.56 17.72 1.15
CA THR D 119 18.00 16.84 0.14
C THR D 119 18.35 15.37 0.38
N ALA D 120 18.53 14.98 1.65
CA ALA D 120 18.91 13.60 1.96
C ALA D 120 17.70 12.68 2.01
N TYR D 121 16.66 13.08 2.75
CA TYR D 121 15.46 12.26 2.82
C TYR D 121 14.78 12.17 1.46
N GLN D 122 14.78 13.26 0.70
CA GLN D 122 14.20 13.24 -0.64
C GLN D 122 14.95 12.26 -1.55
N SER D 123 16.25 12.08 -1.32
CA SER D 123 17.00 11.08 -2.06
C SER D 123 16.72 9.68 -1.56
N PHE D 124 16.69 9.50 -0.23
CA PHE D 124 16.43 8.18 0.33
C PHE D 124 15.02 7.71 -0.01
N GLU D 125 14.05 8.62 0.04
CA GLU D 125 12.67 8.20 -0.15
C GLU D 125 12.39 7.88 -1.62
N GLN D 126 12.91 8.69 -2.54
CA GLN D 126 12.70 8.43 -3.97
C GLN D 126 13.27 7.08 -4.38
N VAL D 127 14.44 6.71 -3.86
CA VAL D 127 15.05 5.44 -4.23
C VAL D 127 14.27 4.28 -3.62
N VAL D 128 13.89 4.41 -2.35
CA VAL D 128 13.23 3.30 -1.65
C VAL D 128 11.82 3.08 -2.20
N ASN D 129 11.08 4.15 -2.50
CA ASN D 129 9.73 3.96 -3.06
C ASN D 129 9.81 3.28 -4.41
N GLU D 130 10.78 3.65 -5.24
CA GLU D 130 10.89 3.03 -6.55
C GLU D 130 11.35 1.59 -6.44
N LEU D 131 12.21 1.29 -5.46
CA LEU D 131 12.70 -0.07 -5.30
C LEU D 131 11.58 -1.04 -4.97
N PHE D 132 10.61 -0.61 -4.16
CA PHE D 132 9.51 -1.46 -3.73
C PHE D 132 8.18 -1.00 -4.35
N ARG D 133 8.24 -0.36 -5.51
CA ARG D 133 7.02 0.14 -6.14
C ARG D 133 6.14 -1.01 -6.64
N ASP D 134 6.76 -2.08 -7.14
CA ASP D 134 6.03 -3.17 -7.78
C ASP D 134 6.33 -4.51 -7.11
N GLY D 135 6.49 -4.51 -5.80
CA GLY D 135 6.65 -5.74 -5.05
C GLY D 135 7.89 -5.73 -4.17
N VAL D 136 7.95 -6.72 -3.30
CA VAL D 136 9.06 -6.91 -2.35
C VAL D 136 9.52 -8.36 -2.44
N ASN D 137 10.84 -8.55 -2.41
CA ASN D 137 11.41 -9.88 -2.32
C ASN D 137 12.70 -9.81 -1.51
N TRP D 138 13.25 -11.00 -1.21
CA TRP D 138 14.44 -11.06 -0.37
C TRP D 138 15.61 -10.32 -1.01
N GLY D 139 15.77 -10.45 -2.33
CA GLY D 139 16.85 -9.74 -3.01
C GLY D 139 16.69 -8.23 -2.96
N ARG D 140 15.45 -7.74 -2.98
CA ARG D 140 15.23 -6.31 -2.87
C ARG D 140 15.41 -5.83 -1.43
N ILE D 141 15.20 -6.73 -0.46
CA ILE D 141 15.50 -6.38 0.94
C ILE D 141 16.99 -6.15 1.10
N VAL D 142 17.81 -7.00 0.49
CA VAL D 142 19.26 -6.82 0.56
C VAL D 142 19.67 -5.54 -0.16
N ALA D 143 19.05 -5.25 -1.30
CA ALA D 143 19.30 -3.98 -1.97
C ALA D 143 18.92 -2.79 -1.09
N PHE D 144 17.88 -2.93 -0.28
CA PHE D 144 17.47 -1.86 0.60
C PHE D 144 18.48 -1.62 1.71
N PHE D 145 19.02 -2.71 2.29
CA PHE D 145 19.99 -2.55 3.37
C PHE D 145 21.32 -2.01 2.85
N SER D 146 21.77 -2.51 1.69
CA SER D 146 23.04 -2.05 1.14
CA SER D 146 23.04 -2.05 1.14
C SER D 146 23.00 -0.58 0.74
N PHE D 147 21.83 -0.09 0.30
CA PHE D 147 21.72 1.32 -0.07
C PHE D 147 21.84 2.22 1.14
N GLY D 148 21.25 1.82 2.27
CA GLY D 148 21.37 2.60 3.48
C GLY D 148 22.78 2.60 4.04
N GLY D 149 23.46 1.46 3.98
CA GLY D 149 24.83 1.40 4.44
C GLY D 149 25.77 2.25 3.62
N ALA D 150 25.59 2.24 2.30
CA ALA D 150 26.38 3.12 1.44
C ALA D 150 26.04 4.59 1.67
N LEU D 151 24.78 4.88 2.00
CA LEU D 151 24.41 6.25 2.32
C LEU D 151 25.06 6.71 3.62
N CYS D 152 25.08 5.84 4.63
CA CYS D 152 25.74 6.19 5.89
C CYS D 152 27.24 6.30 5.72
N VAL D 153 27.82 5.47 4.87
CA VAL D 153 29.26 5.58 4.59
C VAL D 153 29.55 6.91 3.88
N GLU D 154 28.69 7.30 2.95
CA GLU D 154 28.89 8.57 2.25
C GLU D 154 28.65 9.76 3.16
N SER D 155 27.75 9.63 4.13
CA SER D 155 27.49 10.74 5.05
C SER D 155 28.73 11.08 5.87
N VAL D 156 29.43 10.07 6.37
CA VAL D 156 30.69 10.32 7.08
C VAL D 156 31.78 10.75 6.12
N ASP D 157 31.73 10.28 4.88
CA ASP D 157 32.73 10.67 3.90
C ASP D 157 32.60 12.14 3.52
N LYS D 158 31.39 12.68 3.52
CA LYS D 158 31.14 14.06 3.15
C LYS D 158 31.01 14.98 4.36
N GLU D 159 31.49 14.54 5.53
CA GLU D 159 31.41 15.31 6.77
C GLU D 159 29.96 15.71 7.10
N MET D 160 29.04 14.77 6.93
CA MET D 160 27.63 14.95 7.24
C MET D 160 27.18 13.92 8.27
N GLN D 161 27.98 13.74 9.33
CA GLN D 161 27.74 12.71 10.33
C GLN D 161 26.42 12.88 11.06
N VAL D 162 25.76 14.03 10.92
CA VAL D 162 24.45 14.22 11.52
C VAL D 162 23.42 13.30 10.90
N LEU D 163 23.64 12.85 9.66
CA LEU D 163 22.63 12.08 8.96
C LEU D 163 22.64 10.60 9.32
N VAL D 164 23.73 10.08 9.90
CA VAL D 164 23.83 8.65 10.16
C VAL D 164 22.73 8.20 11.12
N SER D 165 22.51 8.96 12.19
CA SER D 165 21.41 8.64 13.10
C SER D 165 20.05 8.86 12.47
N ARG D 166 19.96 9.70 11.44
CA ARG D 166 18.68 9.92 10.77
C ARG D 166 18.40 8.85 9.72
N ILE D 167 19.44 8.37 9.03
CA ILE D 167 19.26 7.30 8.06
C ILE D 167 18.82 6.02 8.75
N ALA D 168 19.42 5.72 9.92
CA ALA D 168 19.02 4.53 10.67
C ALA D 168 17.55 4.59 11.07
N ALA D 169 17.06 5.78 11.38
CA ALA D 169 15.64 5.92 11.72
C ALA D 169 14.76 5.79 10.48
N TRP D 170 15.24 6.26 9.33
CA TRP D 170 14.44 6.18 8.11
C TRP D 170 14.29 4.74 7.64
N MET D 171 15.36 3.95 7.74
CA MET D 171 15.27 2.55 7.34
C MET D 171 14.48 1.72 8.34
N ALA D 172 14.68 1.96 9.63
CA ALA D 172 13.92 1.23 10.65
C ALA D 172 12.43 1.53 10.54
N THR D 173 12.07 2.77 10.21
CA THR D 173 10.67 3.12 10.04
C THR D 173 10.08 2.43 8.82
N TYR D 174 10.86 2.34 7.73
CA TYR D 174 10.37 1.66 6.54
C TYR D 174 10.32 0.14 6.74
N LEU D 175 11.25 -0.40 7.54
CA LEU D 175 11.22 -1.84 7.83
C LEU D 175 9.95 -2.22 8.57
N ASN D 176 9.52 -1.39 9.53
CA ASN D 176 8.35 -1.70 10.33
C ASN D 176 7.06 -1.45 9.55
N ASP D 177 6.97 -0.30 8.88
CA ASP D 177 5.72 0.14 8.30
C ASP D 177 5.47 -0.40 6.90
N HIS D 178 6.51 -0.76 6.16
CA HIS D 178 6.34 -1.17 4.77
C HIS D 178 7.06 -2.46 4.40
N LEU D 179 7.92 -2.99 5.25
CA LEU D 179 8.60 -4.26 4.99
C LEU D 179 8.24 -5.36 5.98
N GLU D 180 7.89 -5.01 7.21
CA GLU D 180 7.48 -6.02 8.19
C GLU D 180 6.30 -6.88 7.74
N PRO D 181 5.25 -6.34 7.08
CA PRO D 181 4.17 -7.22 6.61
C PRO D 181 4.65 -8.33 5.71
N TRP D 182 5.25 -7.98 4.57
CA TRP D 182 5.73 -9.00 3.64
C TRP D 182 6.73 -9.95 4.29
N ILE D 183 7.44 -9.49 5.32
CA ILE D 183 8.39 -10.35 6.02
C ILE D 183 7.66 -11.51 6.68
N GLN D 184 6.59 -11.22 7.43
CA GLN D 184 5.92 -12.24 8.22
C GLN D 184 5.01 -13.15 7.39
N GLU D 185 4.65 -12.74 6.17
CA GLU D 185 3.89 -13.61 5.29
C GLU D 185 4.77 -14.57 4.49
N ASN D 186 6.09 -14.40 4.53
CA ASN D 186 7.01 -15.23 3.76
C ASN D 186 7.99 -15.94 4.68
N GLY D 187 7.53 -16.39 5.83
CA GLY D 187 8.36 -17.17 6.73
C GLY D 187 9.21 -16.36 7.70
N GLY D 188 9.12 -15.03 7.66
CA GLY D 188 9.94 -14.23 8.54
C GLY D 188 11.41 -14.28 8.16
N TRP D 189 12.24 -13.74 9.05
CA TRP D 189 13.68 -13.74 8.83
C TRP D 189 14.29 -15.13 8.87
N ASP D 190 13.55 -16.14 9.37
CA ASP D 190 14.07 -17.50 9.39
C ASP D 190 14.25 -18.02 7.97
N THR D 191 13.34 -17.66 7.06
CA THR D 191 13.51 -18.03 5.65
C THR D 191 14.74 -17.36 5.05
N PHE D 192 15.03 -16.12 5.47
CA PHE D 192 16.18 -15.41 4.95
C PHE D 192 17.50 -16.12 5.29
N VAL D 193 17.57 -16.74 6.47
CA VAL D 193 18.80 -17.44 6.86
C VAL D 193 18.90 -18.77 6.15
N GLU D 194 17.77 -19.45 5.92
CA GLU D 194 17.78 -20.70 5.17
C GLU D 194 18.27 -20.47 3.74
N LEU D 195 18.02 -19.28 3.19
CA LEU D 195 18.32 -18.99 1.79
C LEU D 195 19.70 -18.36 1.61
N TYR D 196 20.13 -17.52 2.54
CA TYR D 196 21.38 -16.78 2.40
C TYR D 196 22.43 -17.17 3.43
N GLY D 197 22.16 -18.18 4.26
CA GLY D 197 23.12 -18.61 5.26
C GLY D 197 24.34 -19.29 4.67
N SER E 1 -0.86 32.94 41.88
CA SER E 1 -0.54 33.77 40.74
C SER E 1 -1.08 33.15 39.44
N MET E 2 -0.78 31.86 39.23
CA MET E 2 -1.23 31.18 38.02
C MET E 2 -2.74 31.06 37.98
N SER E 3 -3.37 30.83 39.13
CA SER E 3 -4.82 30.67 39.16
C SER E 3 -5.52 31.94 38.69
N GLN E 4 -4.97 33.11 39.05
CA GLN E 4 -5.57 34.38 38.65
C GLN E 4 -4.99 34.93 37.36
N SER E 5 -3.76 34.53 36.98
CA SER E 5 -3.25 34.90 35.67
C SER E 5 -4.00 34.18 34.56
N ASN E 6 -4.42 32.95 34.81
CA ASN E 6 -5.29 32.25 33.87
C ASN E 6 -6.72 32.77 33.95
N ARG E 7 -7.18 33.10 35.16
CA ARG E 7 -8.52 33.68 35.31
C ARG E 7 -8.62 35.04 34.64
N GLU E 8 -7.52 35.80 34.63
CA GLU E 8 -7.51 37.07 33.91
C GLU E 8 -7.64 36.85 32.40
N LEU E 9 -6.96 35.83 31.87
CA LEU E 9 -7.05 35.55 30.45
C LEU E 9 -8.45 35.08 30.06
N VAL E 10 -9.08 34.27 30.91
CA VAL E 10 -10.41 33.77 30.61
C VAL E 10 -11.44 34.89 30.70
N VAL E 11 -11.36 35.69 31.77
CA VAL E 11 -12.33 36.77 31.96
C VAL E 11 -12.20 37.80 30.84
N ASP E 12 -10.96 38.09 30.43
CA ASP E 12 -10.74 39.07 29.37
C ASP E 12 -11.30 38.58 28.04
N PHE E 13 -11.02 37.33 27.67
CA PHE E 13 -11.52 36.81 26.42
C PHE E 13 -13.04 36.67 26.43
N LEU E 14 -13.62 36.35 27.58
CA LEU E 14 -15.08 36.33 27.68
C LEU E 14 -15.66 37.74 27.71
N SER E 15 -14.94 38.69 28.29
CA SER E 15 -15.37 40.08 28.22
C SER E 15 -15.35 40.60 26.79
N TYR E 16 -14.41 40.12 25.98
CA TYR E 16 -14.29 40.56 24.59
C TYR E 16 -15.43 40.00 23.74
N LYS E 17 -15.69 38.70 23.85
CA LYS E 17 -16.72 38.08 23.02
C LYS E 17 -18.11 38.54 23.40
N LEU E 18 -18.34 38.84 24.68
CA LEU E 18 -19.64 39.36 25.09
C LEU E 18 -19.83 40.81 24.66
N SER E 19 -18.74 41.58 24.60
CA SER E 19 -18.84 42.97 24.19
C SER E 19 -19.09 43.12 22.69
N GLN E 20 -18.73 42.11 21.89
CA GLN E 20 -18.97 42.19 20.45
C GLN E 20 -20.46 42.13 20.12
N LYS E 21 -21.24 41.41 20.93
CA LYS E 21 -22.68 41.34 20.75
C LYS E 21 -23.42 42.39 21.59
N GLY E 22 -22.69 43.29 22.24
CA GLY E 22 -23.30 44.34 23.02
C GLY E 22 -23.51 44.03 24.49
N TYR E 23 -23.11 42.85 24.94
CA TYR E 23 -23.27 42.46 26.33
C TYR E 23 -22.12 42.98 27.19
N SER E 24 -22.43 43.32 28.43
CA SER E 24 -21.45 43.81 29.39
C SER E 24 -21.10 42.70 30.37
N TRP E 25 -19.80 42.50 30.59
CA TRP E 25 -19.36 41.43 31.49
C TRP E 25 -19.83 41.66 32.91
N SER E 26 -19.87 42.92 33.35
CA SER E 26 -20.28 43.24 34.71
C SER E 26 -21.74 42.90 34.98
N GLN E 27 -22.57 42.83 33.94
CA GLN E 27 -23.98 42.53 34.11
C GLN E 27 -24.25 41.07 34.44
N PHE E 28 -23.23 40.22 34.49
CA PHE E 28 -23.39 38.81 34.82
C PHE E 28 -22.55 38.36 36.01
N SER E 29 -21.40 38.98 36.24
CA SER E 29 -20.55 38.62 37.37
C SER E 29 -19.57 39.75 37.70
N MET E 84 2.05 40.15 28.98
CA MET E 84 0.78 39.98 29.66
C MET E 84 -0.37 40.48 28.81
N ALA E 85 -0.39 41.80 28.54
CA ALA E 85 -1.41 42.35 27.66
C ALA E 85 -1.21 41.89 26.23
N ALA E 86 0.03 41.62 25.83
CA ALA E 86 0.27 41.04 24.51
C ALA E 86 -0.26 39.62 24.43
N VAL E 87 -0.18 38.88 25.54
CA VAL E 87 -0.82 37.57 25.60
C VAL E 87 -2.33 37.71 25.46
N LYS E 88 -2.90 38.72 26.10
CA LYS E 88 -4.34 38.95 26.01
C LYS E 88 -4.75 39.36 24.59
N GLN E 89 -4.04 40.35 24.03
CA GLN E 89 -4.42 40.86 22.72
C GLN E 89 -4.25 39.81 21.62
N ALA E 90 -3.14 39.07 21.65
CA ALA E 90 -2.92 38.04 20.64
C ALA E 90 -4.00 36.96 20.70
N LEU E 91 -4.51 36.67 21.90
CA LEU E 91 -5.58 35.69 22.02
C LEU E 91 -6.90 36.23 21.49
N ARG E 92 -7.09 37.55 21.54
CA ARG E 92 -8.32 38.15 21.01
C ARG E 92 -8.36 38.09 19.50
N GLU E 93 -7.23 38.43 18.84
CA GLU E 93 -7.18 38.38 17.39
C GLU E 93 -7.26 36.93 16.90
N ALA E 94 -6.57 36.01 17.58
CA ALA E 94 -6.61 34.61 17.18
C ALA E 94 -8.01 34.04 17.31
N GLY E 95 -8.74 34.43 18.36
CA GLY E 95 -10.11 33.97 18.51
C GLY E 95 -11.04 34.54 17.45
N ASP E 96 -10.79 35.79 17.06
CA ASP E 96 -11.60 36.41 16.00
C ASP E 96 -11.38 35.71 14.66
N GLU E 97 -10.11 35.50 14.29
CA GLU E 97 -9.81 34.82 13.03
C GLU E 97 -10.34 33.39 13.03
N PHE E 98 -10.28 32.72 14.18
CA PHE E 98 -10.78 31.35 14.24
C PHE E 98 -12.30 31.30 14.16
N GLU E 99 -12.98 32.17 14.90
CA GLU E 99 -14.45 32.13 14.92
C GLU E 99 -15.03 32.54 13.57
N LEU E 100 -14.43 33.54 12.92
CA LEU E 100 -14.87 33.90 11.58
C LEU E 100 -14.63 32.75 10.60
N ARG E 101 -13.53 32.02 10.77
CA ARG E 101 -13.24 30.88 9.91
C ARG E 101 -14.20 29.72 10.18
N TYR E 102 -14.63 29.54 11.43
CA TYR E 102 -15.55 28.45 11.75
C TYR E 102 -16.93 28.71 11.15
N ARG E 103 -17.46 29.91 11.38
CA ARG E 103 -18.78 30.24 10.84
C ARG E 103 -18.78 30.21 9.31
N ARG E 104 -17.68 30.64 8.69
CA ARG E 104 -17.57 30.58 7.24
C ARG E 104 -17.53 29.14 6.76
N ALA E 105 -16.79 28.28 7.46
CA ALA E 105 -16.60 26.90 7.04
C ALA E 105 -17.84 26.06 7.28
N PHE E 106 -18.28 25.96 8.53
CA PHE E 106 -19.26 24.95 8.94
C PHE E 106 -20.57 25.60 9.38
N SER E 107 -20.61 26.20 10.56
CA SER E 107 -21.85 26.72 11.13
C SER E 107 -21.50 27.63 12.30
N ASP E 108 -22.53 28.04 13.04
CA ASP E 108 -22.31 28.70 14.31
C ASP E 108 -21.79 27.70 15.33
N LEU E 109 -21.01 28.18 16.29
CA LEU E 109 -20.34 27.28 17.22
C LEU E 109 -21.29 26.71 18.28
N THR E 110 -22.48 27.28 18.45
CA THR E 110 -23.35 26.87 19.55
C THR E 110 -24.82 26.74 19.19
N SER E 111 -25.31 27.37 18.13
CA SER E 111 -26.75 27.37 17.87
C SER E 111 -27.30 25.98 17.60
N GLN E 112 -26.49 25.09 17.03
CA GLN E 112 -26.94 23.73 16.79
C GLN E 112 -26.88 22.85 18.04
N LEU E 113 -26.27 23.34 19.11
CA LEU E 113 -26.28 22.63 20.39
C LEU E 113 -27.60 22.92 21.11
N HIS E 114 -28.36 21.88 21.44
CA HIS E 114 -29.57 22.03 22.22
C HIS E 114 -29.17 22.11 23.69
N ILE E 115 -28.77 23.31 24.11
CA ILE E 115 -28.17 23.54 25.42
C ILE E 115 -29.20 24.13 26.37
N THR E 116 -29.08 23.76 27.64
CA THR E 116 -29.90 24.23 28.75
C THR E 116 -29.00 24.32 29.98
N PRO E 117 -29.42 24.99 31.06
CA PRO E 117 -28.60 25.00 32.27
C PRO E 117 -28.27 23.62 32.81
N GLY E 118 -29.09 22.61 32.50
CA GLY E 118 -28.83 21.26 32.93
C GLY E 118 -27.64 20.63 32.24
N THR E 119 -27.72 20.50 30.91
CA THR E 119 -26.63 19.90 30.13
C THR E 119 -25.57 20.92 29.72
N ALA E 120 -25.40 21.98 30.51
CA ALA E 120 -24.39 22.99 30.20
C ALA E 120 -22.98 22.41 30.34
N TYR E 121 -22.60 22.04 31.56
CA TYR E 121 -21.29 21.44 31.77
C TYR E 121 -21.18 20.09 31.09
N GLN E 122 -22.27 19.33 31.03
CA GLN E 122 -22.23 18.02 30.39
C GLN E 122 -21.87 18.13 28.92
N SER E 123 -22.27 19.22 28.26
CA SER E 123 -21.86 19.47 26.88
C SER E 123 -20.48 20.11 26.81
N PHE E 124 -20.10 20.88 27.83
CA PHE E 124 -18.79 21.53 27.82
C PHE E 124 -17.67 20.51 27.97
N GLU E 125 -17.81 19.59 28.94
CA GLU E 125 -16.75 18.61 29.17
C GLU E 125 -16.62 17.65 27.99
N GLN E 126 -17.73 17.33 27.32
CA GLN E 126 -17.66 16.41 26.19
C GLN E 126 -16.91 17.01 25.01
N VAL E 127 -17.08 18.31 24.78
CA VAL E 127 -16.42 18.96 23.65
C VAL E 127 -14.94 19.17 23.93
N VAL E 128 -14.60 19.65 25.13
CA VAL E 128 -13.21 19.97 25.43
C VAL E 128 -12.39 18.70 25.66
N ASN E 129 -13.01 17.63 26.16
CA ASN E 129 -12.27 16.38 26.33
C ASN E 129 -11.98 15.74 24.98
N GLU E 130 -12.92 15.85 24.03
CA GLU E 130 -12.66 15.36 22.69
C GLU E 130 -11.65 16.25 21.97
N LEU E 131 -11.73 17.57 22.18
CA LEU E 131 -10.84 18.49 21.50
C LEU E 131 -9.38 18.22 21.84
N PHE E 132 -9.10 17.93 23.11
CA PHE E 132 -7.74 17.62 23.56
C PHE E 132 -7.57 16.14 23.88
N ARG E 133 -8.30 15.28 23.17
CA ARG E 133 -8.23 13.85 23.44
C ARG E 133 -6.90 13.26 23.01
N ASP E 134 -6.44 13.62 21.81
CA ASP E 134 -5.22 13.06 21.25
C ASP E 134 -4.08 14.07 21.15
N GLY E 135 -3.99 14.97 22.13
CA GLY E 135 -2.90 15.91 22.20
C GLY E 135 -3.39 17.35 22.33
N VAL E 136 -2.43 18.22 22.63
CA VAL E 136 -2.67 19.65 22.80
C VAL E 136 -1.71 20.43 21.91
N ASN E 137 -2.20 21.51 21.31
CA ASN E 137 -1.35 22.43 20.58
C ASN E 137 -1.94 23.83 20.70
N TRP E 138 -1.19 24.81 20.20
CA TRP E 138 -1.63 26.21 20.33
C TRP E 138 -2.90 26.45 19.54
N GLY E 139 -3.04 25.84 18.37
CA GLY E 139 -4.25 26.02 17.58
C GLY E 139 -5.48 25.46 18.26
N ARG E 140 -5.34 24.30 18.92
CA ARG E 140 -6.47 23.72 19.63
C ARG E 140 -6.84 24.54 20.86
N ILE E 141 -5.86 25.17 21.51
CA ILE E 141 -6.15 26.02 22.66
C ILE E 141 -6.96 27.24 22.22
N VAL E 142 -6.64 27.78 21.03
CA VAL E 142 -7.43 28.88 20.48
C VAL E 142 -8.86 28.42 20.24
N ALA E 143 -9.03 27.19 19.78
CA ALA E 143 -10.37 26.64 19.62
C ALA E 143 -11.06 26.47 20.96
N PHE E 144 -10.31 26.15 22.02
CA PHE E 144 -10.91 25.97 23.34
C PHE E 144 -11.44 27.30 23.88
N PHE E 145 -10.73 28.39 23.62
CA PHE E 145 -11.21 29.70 24.06
C PHE E 145 -12.41 30.17 23.23
N SER E 146 -12.36 29.93 21.91
CA SER E 146 -13.45 30.36 21.06
CA SER E 146 -13.45 30.36 21.06
C SER E 146 -14.74 29.60 21.36
N PHE E 147 -14.63 28.30 21.63
CA PHE E 147 -15.82 27.51 21.97
C PHE E 147 -16.46 28.01 23.25
N GLY E 148 -15.64 28.22 24.30
CA GLY E 148 -16.16 28.79 25.52
C GLY E 148 -16.66 30.21 25.35
N GLY E 149 -16.07 30.95 24.40
CA GLY E 149 -16.57 32.29 24.12
C GLY E 149 -17.97 32.27 23.54
N ALA E 150 -18.18 31.45 22.50
CA ALA E 150 -19.51 31.28 21.93
C ALA E 150 -20.47 30.62 22.91
N LEU E 151 -19.95 29.87 23.89
CA LEU E 151 -20.81 29.26 24.90
C LEU E 151 -21.45 30.32 25.78
N CYS E 152 -20.67 31.32 26.20
CA CYS E 152 -21.24 32.40 26.99
C CYS E 152 -22.11 33.32 26.15
N VAL E 153 -21.80 33.46 24.87
CA VAL E 153 -22.61 34.30 23.98
C VAL E 153 -23.99 33.68 23.78
N GLU E 154 -24.03 32.36 23.55
CA GLU E 154 -25.32 31.70 23.38
C GLU E 154 -26.11 31.64 24.68
N SER E 155 -25.43 31.56 25.82
CA SER E 155 -26.13 31.53 27.10
C SER E 155 -26.88 32.81 27.36
N VAL E 156 -26.26 33.96 27.08
CA VAL E 156 -26.97 35.23 27.19
C VAL E 156 -28.05 35.34 26.12
N ASP E 157 -27.81 34.77 24.93
CA ASP E 157 -28.80 34.80 23.88
C ASP E 157 -30.02 33.94 24.21
N LYS E 158 -29.83 32.90 25.02
CA LYS E 158 -30.90 31.99 25.40
C LYS E 158 -31.51 32.32 26.75
N GLU E 159 -31.24 33.49 27.30
CA GLU E 159 -31.70 33.89 28.62
C GLU E 159 -31.30 32.87 29.68
N MET E 160 -29.98 32.68 29.79
CA MET E 160 -29.38 31.75 30.73
C MET E 160 -28.10 32.35 31.30
N GLN E 161 -28.11 33.66 31.55
CA GLN E 161 -26.92 34.41 31.91
C GLN E 161 -26.25 33.90 33.18
N VAL E 162 -26.92 33.09 33.98
CA VAL E 162 -26.29 32.50 35.15
C VAL E 162 -25.15 31.57 34.74
N LEU E 163 -25.15 31.10 33.49
CA LEU E 163 -24.12 30.20 33.00
C LEU E 163 -22.80 30.90 32.71
N VAL E 164 -22.81 32.24 32.56
CA VAL E 164 -21.60 32.95 32.17
C VAL E 164 -20.50 32.75 33.19
N SER E 165 -20.80 32.99 34.46
CA SER E 165 -19.80 32.78 35.51
C SER E 165 -19.44 31.31 35.67
N ARG E 166 -20.33 30.39 35.29
CA ARG E 166 -20.04 28.97 35.40
C ARG E 166 -19.07 28.52 34.33
N ILE E 167 -19.29 28.95 33.08
CA ILE E 167 -18.38 28.59 32.00
C ILE E 167 -17.00 29.18 32.24
N ALA E 168 -16.94 30.41 32.77
CA ALA E 168 -15.66 31.01 33.09
C ALA E 168 -14.91 30.18 34.13
N ALA E 169 -15.62 29.60 35.08
CA ALA E 169 -14.98 28.73 36.07
C ALA E 169 -14.53 27.43 35.43
N TRP E 170 -15.35 26.85 34.54
CA TRP E 170 -14.97 25.62 33.87
C TRP E 170 -13.78 25.84 32.95
N MET E 171 -13.72 27.00 32.29
CA MET E 171 -12.59 27.31 31.43
C MET E 171 -11.31 27.50 32.24
N ALA E 172 -11.41 28.15 33.40
CA ALA E 172 -10.23 28.37 34.23
C ALA E 172 -9.78 27.08 34.90
N THR E 173 -10.73 26.25 35.33
CA THR E 173 -10.36 24.99 35.97
C THR E 173 -9.69 24.05 34.98
N TYR E 174 -10.11 24.07 33.72
CA TYR E 174 -9.47 23.24 32.71
C TYR E 174 -8.14 23.82 32.25
N LEU E 175 -7.98 25.15 32.35
CA LEU E 175 -6.72 25.77 31.95
C LEU E 175 -5.60 25.42 32.92
N ASN E 176 -5.91 25.36 34.22
CA ASN E 176 -4.87 25.08 35.20
C ASN E 176 -4.60 23.59 35.34
N ASP E 177 -5.64 22.76 35.27
CA ASP E 177 -5.50 21.35 35.59
C ASP E 177 -4.98 20.54 34.40
N HIS E 178 -5.39 20.88 33.19
CA HIS E 178 -5.10 20.04 32.03
C HIS E 178 -4.30 20.74 30.94
N LEU E 179 -4.39 22.07 30.82
CA LEU E 179 -3.68 22.78 29.77
C LEU E 179 -2.41 23.48 30.25
N GLU E 180 -2.29 23.74 31.55
CA GLU E 180 -1.11 24.40 32.10
C GLU E 180 0.13 23.51 32.03
N PRO E 181 0.04 22.19 32.25
CA PRO E 181 1.24 21.35 32.01
C PRO E 181 1.79 21.48 30.60
N TRP E 182 0.94 21.37 29.58
CA TRP E 182 1.43 21.46 28.21
C TRP E 182 1.91 22.88 27.90
N ILE E 183 1.24 23.90 28.42
CA ILE E 183 1.61 25.27 28.13
C ILE E 183 3.01 25.57 28.65
N GLN E 184 3.31 25.13 29.87
CA GLN E 184 4.58 25.44 30.50
C GLN E 184 5.73 24.58 29.97
N GLU E 185 5.44 23.50 29.25
CA GLU E 185 6.47 22.69 28.61
C GLU E 185 6.73 23.09 27.16
N ASN E 186 5.95 24.03 26.63
CA ASN E 186 6.10 24.49 25.25
C ASN E 186 6.49 25.96 25.19
N GLY E 187 7.14 26.46 26.25
CA GLY E 187 7.61 27.83 26.28
C GLY E 187 6.66 28.82 26.93
N GLY E 188 5.61 28.36 27.60
CA GLY E 188 4.69 29.25 28.24
C GLY E 188 3.87 30.07 27.24
N TRP E 189 3.17 31.07 27.79
CA TRP E 189 2.36 31.95 26.96
C TRP E 189 3.19 32.89 26.10
N ASP E 190 4.49 33.03 26.39
CA ASP E 190 5.34 33.91 25.58
C ASP E 190 5.51 33.36 24.17
N THR E 191 5.60 32.03 24.04
CA THR E 191 5.72 31.43 22.71
C THR E 191 4.46 31.67 21.89
N PHE E 192 3.30 31.77 22.54
CA PHE E 192 2.06 32.02 21.82
C PHE E 192 2.06 33.39 21.17
N VAL E 193 2.63 34.40 21.84
CA VAL E 193 2.62 35.75 21.29
C VAL E 193 3.62 35.90 20.16
N GLU E 194 4.81 35.29 20.30
CA GLU E 194 5.79 35.32 19.23
C GLU E 194 5.25 34.66 17.96
N LEU E 195 4.30 33.74 18.11
CA LEU E 195 3.73 32.99 17.00
C LEU E 195 2.48 33.66 16.43
N TYR E 196 1.55 34.08 17.29
CA TYR E 196 0.28 34.63 16.88
C TYR E 196 0.16 36.11 17.17
N GLY E 197 1.27 36.85 17.06
CA GLY E 197 1.27 38.27 17.31
C GLY E 197 1.05 39.11 16.07
N SER F 1 17.71 -5.12 -49.65
CA SER F 1 17.18 -6.37 -49.13
C SER F 1 17.44 -6.50 -47.64
N MET F 2 16.37 -6.67 -46.87
CA MET F 2 16.52 -6.78 -45.42
C MET F 2 17.26 -8.05 -45.03
N SER F 3 16.94 -9.17 -45.68
CA SER F 3 17.66 -10.41 -45.42
C SER F 3 19.15 -10.23 -45.71
N GLN F 4 19.47 -9.47 -46.76
CA GLN F 4 20.88 -9.15 -47.03
C GLN F 4 21.43 -8.17 -46.02
N SER F 5 20.67 -7.10 -45.73
CA SER F 5 21.16 -6.06 -44.84
C SER F 5 21.29 -6.55 -43.41
N ASN F 6 20.46 -7.52 -43.00
CA ASN F 6 20.56 -8.06 -41.65
C ASN F 6 21.66 -9.11 -41.54
N ARG F 7 21.81 -9.94 -42.57
CA ARG F 7 22.89 -10.92 -42.56
C ARG F 7 24.25 -10.25 -42.57
N GLU F 8 24.36 -9.10 -43.24
CA GLU F 8 25.62 -8.36 -43.23
C GLU F 8 25.93 -7.82 -41.83
N LEU F 9 24.88 -7.39 -41.10
CA LEU F 9 25.09 -6.91 -39.74
C LEU F 9 25.47 -8.06 -38.81
N VAL F 10 24.87 -9.23 -38.99
CA VAL F 10 25.18 -10.37 -38.14
C VAL F 10 26.59 -10.88 -38.44
N VAL F 11 26.96 -10.96 -39.71
CA VAL F 11 28.27 -11.49 -40.07
C VAL F 11 29.37 -10.58 -39.53
N ASP F 12 29.19 -9.26 -39.63
CA ASP F 12 30.22 -8.34 -39.19
C ASP F 12 30.41 -8.38 -37.69
N PHE F 13 29.31 -8.46 -36.93
CA PHE F 13 29.43 -8.53 -35.47
C PHE F 13 30.06 -9.85 -35.04
N LEU F 14 29.72 -10.94 -35.71
CA LEU F 14 30.36 -12.22 -35.43
C LEU F 14 31.81 -12.23 -35.90
N SER F 15 32.11 -11.55 -37.02
CA SER F 15 33.49 -11.38 -37.44
C SER F 15 34.29 -10.56 -36.44
N TYR F 16 33.63 -9.58 -35.80
CA TYR F 16 34.33 -8.72 -34.85
C TYR F 16 34.59 -9.46 -33.54
N LYS F 17 33.62 -10.25 -33.07
CA LYS F 17 33.78 -10.94 -31.80
C LYS F 17 34.73 -12.12 -31.90
N LEU F 18 34.78 -12.78 -33.06
CA LEU F 18 35.72 -13.88 -33.25
C LEU F 18 37.14 -13.38 -33.42
N SER F 19 37.31 -12.19 -34.00
CA SER F 19 38.65 -11.65 -34.20
C SER F 19 39.27 -11.15 -32.90
N GLN F 20 38.46 -10.89 -31.87
CA GLN F 20 39.02 -10.47 -30.58
C GLN F 20 39.73 -11.61 -29.88
N LYS F 21 39.28 -12.85 -30.08
CA LYS F 21 39.93 -14.01 -29.50
C LYS F 21 40.97 -14.63 -30.42
N GLY F 22 41.18 -14.06 -31.62
CA GLY F 22 42.14 -14.55 -32.56
C GLY F 22 41.59 -15.41 -33.67
N TYR F 23 40.29 -15.65 -33.69
CA TYR F 23 39.67 -16.51 -34.70
C TYR F 23 39.35 -15.72 -35.97
N SER F 24 39.39 -16.42 -37.10
CA SER F 24 39.10 -15.83 -38.40
C SER F 24 37.74 -16.30 -38.89
N TRP F 25 36.91 -15.37 -39.32
CA TRP F 25 35.54 -15.71 -39.73
C TRP F 25 35.54 -16.62 -40.95
N SER F 26 36.44 -16.38 -41.90
CA SER F 26 36.46 -17.12 -43.15
C SER F 26 36.82 -18.59 -42.97
N GLN F 27 37.33 -18.99 -41.81
CA GLN F 27 37.74 -20.36 -41.56
C GLN F 27 36.65 -21.19 -40.90
N PHE F 28 35.41 -20.73 -40.94
CA PHE F 28 34.29 -21.49 -40.36
C PHE F 28 33.16 -21.64 -41.38
N MET F 84 23.96 1.65 -42.73
CA MET F 84 25.29 2.05 -43.22
C MET F 84 26.38 1.47 -42.32
N ALA F 85 27.63 1.85 -42.61
CA ALA F 85 28.75 1.40 -41.80
C ALA F 85 28.70 1.95 -40.39
N ALA F 86 28.01 3.07 -40.18
CA ALA F 86 27.85 3.60 -38.83
C ALA F 86 26.99 2.69 -37.97
N VAL F 87 26.06 1.95 -38.59
CA VAL F 87 25.27 0.97 -37.84
C VAL F 87 26.16 -0.17 -37.37
N LYS F 88 27.11 -0.59 -38.21
CA LYS F 88 28.01 -1.68 -37.85
C LYS F 88 28.96 -1.27 -36.73
N GLN F 89 29.47 -0.03 -36.78
CA GLN F 89 30.41 0.41 -35.76
C GLN F 89 29.71 0.69 -34.43
N ALA F 90 28.53 1.33 -34.48
CA ALA F 90 27.80 1.59 -33.25
C ALA F 90 27.38 0.30 -32.56
N LEU F 91 27.08 -0.74 -33.33
CA LEU F 91 26.75 -2.03 -32.75
C LEU F 91 27.99 -2.71 -32.17
N ARG F 92 29.17 -2.40 -32.71
CA ARG F 92 30.40 -3.01 -32.20
C ARG F 92 30.79 -2.41 -30.85
N GLU F 93 30.73 -1.09 -30.73
CA GLU F 93 31.05 -0.46 -29.44
C GLU F 93 30.02 -0.80 -28.38
N ALA F 94 28.74 -0.88 -28.77
CA ALA F 94 27.70 -1.24 -27.81
C ALA F 94 27.86 -2.68 -27.34
N GLY F 95 28.25 -3.57 -28.24
CA GLY F 95 28.47 -4.96 -27.86
C GLY F 95 29.68 -5.10 -26.95
N ASP F 96 30.72 -4.30 -27.17
CA ASP F 96 31.89 -4.32 -26.31
C ASP F 96 31.55 -3.80 -24.92
N GLU F 97 30.81 -2.70 -24.85
CA GLU F 97 30.43 -2.14 -23.55
C GLU F 97 29.51 -3.08 -22.79
N PHE F 98 28.61 -3.77 -23.50
CA PHE F 98 27.67 -4.67 -22.84
C PHE F 98 28.38 -5.92 -22.33
N GLU F 99 29.27 -6.49 -23.15
CA GLU F 99 29.96 -7.72 -22.74
C GLU F 99 30.90 -7.44 -21.57
N LEU F 100 31.61 -6.31 -21.60
CA LEU F 100 32.42 -5.93 -20.45
C LEU F 100 31.57 -5.70 -19.22
N ARG F 101 30.36 -5.16 -19.41
CA ARG F 101 29.45 -4.95 -18.28
C ARG F 101 28.94 -6.28 -17.74
N TYR F 102 28.72 -7.27 -18.61
CA TYR F 102 28.19 -8.55 -18.16
C TYR F 102 29.24 -9.34 -17.41
N ARG F 103 30.47 -9.41 -17.94
CA ARG F 103 31.53 -10.15 -17.25
C ARG F 103 31.87 -9.50 -15.92
N ARG F 104 31.83 -8.17 -15.85
CA ARG F 104 32.07 -7.48 -14.58
C ARG F 104 30.95 -7.76 -13.58
N ALA F 105 29.71 -7.74 -14.05
CA ALA F 105 28.56 -7.89 -13.15
C ALA F 105 28.40 -9.32 -12.67
N PHE F 106 28.31 -10.26 -13.60
CA PHE F 106 27.84 -11.61 -13.28
C PHE F 106 28.89 -12.67 -13.60
N SER F 107 29.10 -13.01 -14.87
CA SER F 107 30.00 -14.09 -15.25
C SER F 107 30.25 -13.98 -16.75
N ASP F 108 30.89 -15.00 -17.31
CA ASP F 108 30.97 -15.13 -18.75
C ASP F 108 29.60 -15.50 -19.32
N LEU F 109 29.35 -15.07 -20.55
CA LEU F 109 28.04 -15.26 -21.15
C LEU F 109 27.75 -16.70 -21.55
N THR F 110 28.77 -17.56 -21.63
CA THR F 110 28.58 -18.91 -22.15
C THR F 110 29.29 -20.00 -21.37
N SER F 111 30.33 -19.71 -20.60
CA SER F 111 31.11 -20.77 -19.96
C SER F 111 30.27 -21.58 -18.98
N GLN F 112 29.25 -20.97 -18.37
CA GLN F 112 28.36 -21.71 -17.48
C GLN F 112 27.31 -22.51 -18.23
N LEU F 113 27.14 -22.27 -19.53
CA LEU F 113 26.24 -23.06 -20.34
C LEU F 113 26.91 -24.38 -20.74
N HIS F 114 26.20 -25.49 -20.54
CA HIS F 114 26.67 -26.79 -20.98
C HIS F 114 26.22 -26.97 -22.42
N ILE F 115 27.07 -26.56 -23.35
CA ILE F 115 26.71 -26.50 -24.77
C ILE F 115 27.24 -27.73 -25.49
N THR F 116 26.46 -28.21 -26.45
CA THR F 116 26.81 -29.27 -27.37
C THR F 116 26.15 -28.95 -28.70
N PRO F 117 26.65 -29.52 -29.80
CA PRO F 117 25.96 -29.32 -31.09
C PRO F 117 24.48 -29.73 -31.07
N GLY F 118 24.09 -30.61 -30.15
CA GLY F 118 22.69 -31.01 -30.05
C GLY F 118 21.79 -29.92 -29.51
N THR F 119 22.04 -29.48 -28.27
CA THR F 119 21.24 -28.44 -27.65
C THR F 119 21.72 -27.04 -27.99
N ALA F 120 22.35 -26.85 -29.15
CA ALA F 120 22.79 -25.53 -29.56
C ALA F 120 21.61 -24.61 -29.82
N TYR F 121 20.78 -24.93 -30.82
CA TYR F 121 19.59 -24.13 -31.08
C TYR F 121 18.61 -24.24 -29.93
N GLN F 122 18.50 -25.40 -29.30
CA GLN F 122 17.57 -25.59 -28.19
C GLN F 122 17.87 -24.64 -27.03
N SER F 123 19.15 -24.28 -26.86
CA SER F 123 19.50 -23.27 -25.87
C SER F 123 19.43 -21.86 -26.43
N PHE F 124 19.67 -21.69 -27.73
CA PHE F 124 19.57 -20.37 -28.34
C PHE F 124 18.14 -19.85 -28.30
N GLU F 125 17.18 -20.66 -28.77
CA GLU F 125 15.79 -20.20 -28.82
C GLU F 125 15.24 -19.92 -27.45
N GLN F 126 15.67 -20.65 -26.42
CA GLN F 126 15.15 -20.45 -25.08
C GLN F 126 15.62 -19.12 -24.49
N VAL F 127 16.84 -18.72 -24.80
CA VAL F 127 17.38 -17.47 -24.25
C VAL F 127 16.80 -16.26 -24.97
N VAL F 128 16.76 -16.31 -26.31
CA VAL F 128 16.27 -15.15 -27.06
C VAL F 128 14.75 -14.99 -26.90
N ASN F 129 14.01 -16.09 -26.74
CA ASN F 129 12.58 -15.97 -26.54
C ASN F 129 12.25 -15.36 -25.19
N GLU F 130 12.99 -15.75 -24.15
CA GLU F 130 12.81 -15.11 -22.86
C GLU F 130 13.28 -13.66 -22.89
N LEU F 131 14.34 -13.37 -23.65
CA LEU F 131 14.87 -12.02 -23.71
C LEU F 131 13.84 -11.03 -24.27
N PHE F 132 13.15 -11.41 -25.33
CA PHE F 132 12.15 -10.56 -25.96
C PHE F 132 10.73 -11.05 -25.66
N ARG F 133 10.53 -11.66 -24.48
CA ARG F 133 9.21 -12.17 -24.13
C ARG F 133 8.21 -11.05 -23.91
N ASP F 134 8.55 -10.10 -23.05
CA ASP F 134 7.63 -9.00 -22.73
C ASP F 134 7.72 -7.83 -23.70
N GLY F 135 8.90 -7.56 -24.25
CA GLY F 135 9.03 -6.45 -25.17
C GLY F 135 10.41 -6.44 -25.82
N VAL F 136 10.58 -5.47 -26.72
CA VAL F 136 11.83 -5.28 -27.45
C VAL F 136 12.27 -3.84 -27.29
N ASN F 137 13.58 -3.63 -27.12
CA ASN F 137 14.15 -2.29 -27.10
C ASN F 137 15.58 -2.37 -27.62
N TRP F 138 16.17 -1.20 -27.87
CA TRP F 138 17.52 -1.14 -28.42
C TRP F 138 18.53 -1.80 -27.49
N GLY F 139 18.34 -1.64 -26.18
CA GLY F 139 19.27 -2.25 -25.24
C GLY F 139 19.21 -3.77 -25.25
N ARG F 140 18.00 -4.32 -25.41
CA ARG F 140 17.86 -5.77 -25.47
C ARG F 140 18.41 -6.35 -26.76
N ILE F 141 18.30 -5.60 -27.87
CA ILE F 141 18.86 -6.05 -29.13
C ILE F 141 20.38 -6.14 -29.03
N VAL F 142 20.99 -5.19 -28.31
CA VAL F 142 22.43 -5.25 -28.08
C VAL F 142 22.79 -6.50 -27.30
N ALA F 143 21.96 -6.87 -26.32
CA ALA F 143 22.16 -8.12 -25.60
C ALA F 143 21.98 -9.32 -26.51
N PHE F 144 21.06 -9.23 -27.48
CA PHE F 144 20.82 -10.35 -28.39
C PHE F 144 22.03 -10.58 -29.30
N PHE F 145 22.70 -9.50 -29.70
CA PHE F 145 23.89 -9.64 -30.53
C PHE F 145 25.08 -10.14 -29.71
N SER F 146 25.24 -9.61 -28.49
CA SER F 146 26.36 -10.02 -27.65
CA SER F 146 26.36 -10.03 -27.65
C SER F 146 26.23 -11.48 -27.22
N PHE F 147 25.00 -11.94 -26.98
CA PHE F 147 24.78 -13.34 -26.60
C PHE F 147 25.18 -14.27 -27.74
N GLY F 148 24.73 -13.95 -28.95
CA GLY F 148 25.17 -14.72 -30.11
C GLY F 148 26.65 -14.57 -30.40
N GLY F 149 27.22 -13.41 -30.07
CA GLY F 149 28.66 -13.24 -30.23
C GLY F 149 29.44 -14.18 -29.33
N ALA F 150 29.10 -14.20 -28.04
CA ALA F 150 29.72 -15.16 -27.14
C ALA F 150 29.30 -16.59 -27.46
N LEU F 151 28.18 -16.78 -28.15
CA LEU F 151 27.74 -18.11 -28.54
C LEU F 151 28.71 -18.73 -29.52
N CYS F 152 29.13 -17.96 -30.54
CA CYS F 152 30.10 -18.47 -31.51
C CYS F 152 31.49 -18.53 -30.91
N VAL F 153 31.80 -17.66 -29.95
CA VAL F 153 33.13 -17.67 -29.33
C VAL F 153 33.33 -18.96 -28.53
N GLU F 154 32.32 -19.33 -27.73
CA GLU F 154 32.42 -20.57 -26.96
C GLU F 154 32.37 -21.80 -27.86
N SER F 155 31.66 -21.72 -28.98
CA SER F 155 31.61 -22.85 -29.90
C SER F 155 32.99 -23.15 -30.48
N VAL F 156 33.73 -22.12 -30.88
CA VAL F 156 35.09 -22.33 -31.35
C VAL F 156 36.00 -22.74 -30.20
N ASP F 157 35.73 -22.23 -29.00
CA ASP F 157 36.55 -22.60 -27.84
C ASP F 157 36.38 -24.06 -27.46
N LYS F 158 35.24 -24.67 -27.78
CA LYS F 158 34.97 -26.05 -27.44
C LYS F 158 35.08 -26.99 -28.64
N GLU F 159 35.82 -26.58 -29.67
CA GLU F 159 36.03 -27.38 -30.88
C GLU F 159 34.70 -27.76 -31.54
N MET F 160 33.76 -26.83 -31.57
CA MET F 160 32.51 -26.96 -32.31
C MET F 160 32.39 -25.77 -33.26
N GLN F 161 33.27 -25.73 -34.26
CA GLN F 161 33.29 -24.62 -35.20
C GLN F 161 32.17 -24.66 -36.23
N VAL F 162 31.57 -25.83 -36.43
CA VAL F 162 30.46 -25.93 -37.38
C VAL F 162 29.25 -25.13 -36.89
N LEU F 163 29.17 -24.86 -35.59
CA LEU F 163 28.05 -24.10 -35.05
C LEU F 163 28.06 -22.64 -35.48
N VAL F 164 29.22 -22.11 -35.87
CA VAL F 164 29.34 -20.68 -36.16
C VAL F 164 28.38 -20.26 -37.26
N SER F 165 28.40 -20.99 -38.38
CA SER F 165 27.50 -20.66 -39.47
C SER F 165 26.04 -20.90 -39.10
N ARG F 166 25.79 -21.83 -38.18
CA ARG F 166 24.43 -22.11 -37.76
C ARG F 166 23.87 -20.97 -36.90
N ILE F 167 24.65 -20.54 -35.91
CA ILE F 167 24.21 -19.45 -35.04
C ILE F 167 24.02 -18.17 -35.85
N ALA F 168 24.87 -17.94 -36.85
CA ALA F 168 24.73 -16.78 -37.71
C ALA F 168 23.39 -16.80 -38.43
N ALA F 169 22.95 -17.98 -38.89
CA ALA F 169 21.65 -18.10 -39.52
C ALA F 169 20.52 -17.89 -38.52
N TRP F 170 20.66 -18.45 -37.33
CA TRP F 170 19.64 -18.25 -36.30
C TRP F 170 19.55 -16.78 -35.90
N MET F 171 20.69 -16.10 -35.81
CA MET F 171 20.69 -14.67 -35.51
C MET F 171 20.02 -13.88 -36.62
N ALA F 172 20.24 -14.29 -37.88
CA ALA F 172 19.66 -13.57 -39.01
C ALA F 172 18.18 -13.91 -39.19
N THR F 173 17.80 -15.17 -38.96
CA THR F 173 16.40 -15.55 -39.07
C THR F 173 15.55 -14.86 -38.01
N TYR F 174 16.10 -14.68 -36.81
CA TYR F 174 15.36 -13.97 -35.77
C TYR F 174 15.34 -12.47 -36.01
N LEU F 175 16.39 -11.94 -36.65
CA LEU F 175 16.44 -10.50 -36.93
C LEU F 175 15.36 -10.10 -37.93
N ASN F 176 15.15 -10.92 -38.96
CA ASN F 176 14.18 -10.58 -40.00
C ASN F 176 12.75 -10.87 -39.54
N ASP F 177 12.55 -11.97 -38.82
CA ASP F 177 11.19 -12.42 -38.53
C ASP F 177 10.61 -11.73 -37.31
N HIS F 178 11.38 -11.58 -36.24
CA HIS F 178 10.84 -11.12 -34.97
C HIS F 178 11.37 -9.78 -34.49
N LEU F 179 12.52 -9.32 -35.00
CA LEU F 179 13.08 -8.04 -34.58
C LEU F 179 12.94 -6.94 -35.62
N GLU F 180 12.78 -7.28 -36.89
CA GLU F 180 12.63 -6.30 -37.95
C GLU F 180 11.32 -5.51 -37.85
N PRO F 181 10.20 -6.12 -37.44
CA PRO F 181 9.00 -5.30 -37.18
C PRO F 181 9.24 -4.19 -36.19
N TRP F 182 9.78 -4.52 -35.00
CA TRP F 182 10.02 -3.49 -34.00
C TRP F 182 11.06 -2.48 -34.46
N ILE F 183 12.09 -2.95 -35.17
CA ILE F 183 13.15 -2.05 -35.63
C ILE F 183 12.58 -1.00 -36.57
N GLN F 184 11.69 -1.41 -37.46
CA GLN F 184 11.18 -0.50 -38.48
C GLN F 184 10.08 0.43 -37.98
N GLU F 185 9.49 0.14 -36.82
CA GLU F 185 8.52 1.04 -36.20
C GLU F 185 9.16 1.99 -35.19
N ASN F 186 10.48 1.92 -35.00
CA ASN F 186 11.20 2.79 -34.07
C ASN F 186 12.26 3.62 -34.80
N GLY F 187 12.01 3.92 -36.08
CA GLY F 187 12.93 4.73 -36.85
C GLY F 187 14.06 3.99 -37.52
N GLY F 188 14.00 2.66 -37.57
CA GLY F 188 15.05 1.89 -38.22
C GLY F 188 16.35 1.93 -37.44
N TRP F 189 17.41 1.47 -38.12
CA TRP F 189 18.73 1.43 -37.51
C TRP F 189 19.33 2.82 -37.34
N ASP F 190 18.80 3.83 -38.03
CA ASP F 190 19.34 5.18 -37.89
C ASP F 190 19.13 5.71 -36.47
N THR F 191 17.99 5.39 -35.86
CA THR F 191 17.77 5.78 -34.47
C THR F 191 18.76 5.12 -33.53
N PHE F 192 19.21 3.90 -33.87
CA PHE F 192 20.23 3.24 -33.06
C PHE F 192 21.55 3.99 -33.11
N VAL F 193 21.92 4.52 -34.29
CA VAL F 193 23.16 5.28 -34.41
C VAL F 193 23.04 6.61 -33.70
N GLU F 194 21.86 7.24 -33.78
CA GLU F 194 21.66 8.50 -33.08
C GLU F 194 21.71 8.32 -31.57
N LEU F 195 21.26 7.17 -31.07
CA LEU F 195 21.26 6.92 -29.63
C LEU F 195 22.57 6.34 -29.12
N TYR F 196 23.25 5.53 -29.92
CA TYR F 196 24.46 4.83 -29.47
C TYR F 196 25.66 5.19 -30.34
N GLY F 197 25.72 6.42 -30.82
CA GLY F 197 26.82 6.86 -31.65
C GLY F 197 28.10 7.15 -30.88
N SER G 2 -21.34 -8.85 -8.78
CA SER G 2 -21.11 -8.56 -7.38
C SER G 2 -20.65 -9.81 -6.62
N ALA G 3 -21.21 -10.96 -7.01
CA ALA G 3 -20.81 -12.21 -6.38
C ALA G 3 -19.41 -12.64 -6.80
N ALA G 4 -19.00 -12.27 -8.02
CA ALA G 4 -17.65 -12.62 -8.47
C ALA G 4 -16.59 -11.83 -7.73
N GLN G 5 -16.88 -10.58 -7.38
CA GLN G 5 -15.92 -9.78 -6.62
C GLN G 5 -15.70 -10.34 -5.22
N LEU G 6 -16.75 -10.92 -4.61
CA LEU G 6 -16.58 -11.56 -3.32
C LEU G 6 -15.83 -12.88 -3.46
N LEU G 7 -16.15 -13.66 -4.50
CA LEU G 7 -15.44 -14.91 -4.75
C LEU G 7 -13.95 -14.65 -4.98
N ALA G 8 -13.63 -13.63 -5.77
CA ALA G 8 -12.24 -13.26 -6.01
C ALA G 8 -11.56 -12.90 -4.70
C MK8 G 9 -11.40 -12.90 -1.65
N MK8 G 9 -12.22 -12.06 -3.92
O MK8 G 9 -10.26 -12.99 -1.15
CA MK8 G 9 -11.74 -11.67 -2.58
CB MK8 G 9 -12.79 -10.83 -1.82
CD MK8 G 9 -13.01 -10.60 0.66
CE MK8 G 9 -12.20 -10.37 1.91
CG MK8 G 9 -12.24 -10.17 -0.57
CB1 MK8 G 9 -10.46 -10.84 -2.68
N ARG G 10 -12.37 -13.79 -1.46
CA ARG G 10 -12.18 -14.96 -0.60
C ARG G 10 -11.07 -15.88 -1.13
N LEU G 11 -10.91 -15.92 -2.46
CA LEU G 11 -9.82 -16.69 -3.04
C LEU G 11 -8.47 -16.11 -2.66
N LYS G 12 -8.38 -14.79 -2.50
CA LYS G 12 -7.15 -14.14 -2.08
C LYS G 12 -6.78 -14.53 -0.65
C MK8 G 13 -7.01 -15.95 2.03
N MK8 G 13 -7.66 -14.19 0.29
O MK8 G 13 -6.03 -16.16 2.79
CA MK8 G 13 -7.46 -14.47 1.72
CB MK8 G 13 -8.74 -14.21 2.53
CD MK8 G 13 -10.82 -12.87 2.85
CE MK8 G 13 -11.56 -11.63 2.39
CG MK8 G 13 -9.68 -13.19 1.91
CB1 MK8 G 13 -6.35 -13.57 2.28
N LEU G 14 -7.71 -16.92 1.46
CA LEU G 14 -7.40 -18.32 1.67
C LEU G 14 -6.13 -18.70 0.90
N GLY G 15 -5.84 -17.95 -0.16
CA GLY G 15 -4.62 -18.14 -0.91
C GLY G 15 -3.42 -17.58 -0.17
N ASP G 16 -3.58 -16.40 0.42
CA ASP G 16 -2.52 -15.82 1.23
C ASP G 16 -2.33 -16.57 2.53
N GLU G 17 -3.42 -17.12 3.08
CA GLU G 17 -3.31 -17.92 4.30
C GLU G 17 -2.57 -19.23 4.03
N LEU G 18 -2.92 -19.91 2.94
CA LEU G 18 -2.19 -21.11 2.55
C LEU G 18 -0.73 -20.80 2.25
N HIS G 19 -0.45 -19.60 1.73
CA HIS G 19 0.93 -19.23 1.44
C HIS G 19 1.72 -18.98 2.73
N GLN G 20 1.15 -18.16 3.63
CA GLN G 20 1.86 -17.85 4.88
C GLN G 20 1.97 -19.07 5.78
N ARG G 21 0.94 -19.92 5.80
CA ARG G 21 0.99 -21.11 6.64
C ARG G 21 2.08 -22.07 6.16
N THR G 22 2.19 -22.27 4.85
CA THR G 22 3.18 -23.19 4.32
C THR G 22 4.59 -22.65 4.50
N MET G 23 4.76 -21.32 4.39
CA MET G 23 6.10 -20.74 4.48
C MET G 23 6.70 -20.80 5.88
N TRP G 24 5.94 -21.21 6.88
CA TRP G 24 6.48 -21.32 8.23
C TRP G 24 6.59 -22.79 8.65
N SER H 2 4.95 -17.23 16.93
CA SER H 2 4.74 -17.56 15.53
C SER H 2 3.28 -17.92 15.27
N ALA H 3 2.67 -18.64 16.22
CA ALA H 3 1.26 -18.99 16.09
C ALA H 3 0.36 -17.79 16.30
N ALA H 4 0.83 -16.78 17.05
CA ALA H 4 0.04 -15.57 17.25
C ALA H 4 0.00 -14.74 15.98
N GLN H 5 1.09 -14.71 15.23
CA GLN H 5 1.11 -13.94 13.98
C GLN H 5 0.14 -14.54 12.96
N LEU H 6 0.03 -15.87 12.92
CA LEU H 6 -0.95 -16.50 12.05
C LEU H 6 -2.37 -16.28 12.56
N LEU H 7 -2.56 -16.36 13.88
CA LEU H 7 -3.88 -16.10 14.46
C LEU H 7 -4.33 -14.68 14.14
N ALA H 8 -3.44 -13.70 14.32
CA ALA H 8 -3.74 -12.31 14.01
C ALA H 8 -4.10 -12.18 12.53
C MK8 H 9 -4.96 -13.34 9.84
N MK8 H 9 -3.28 -12.78 11.68
O MK8 H 9 -5.70 -12.62 9.11
CA MK8 H 9 -3.52 -12.81 10.22
CB MK8 H 9 -2.51 -13.71 9.50
CD MK8 H 9 -2.91 -14.89 7.32
CE MK8 H 9 -3.47 -14.67 5.93
CG MK8 H 9 -2.57 -13.57 7.99
CB1 MK8 H 9 -3.41 -11.40 9.62
N ARG H 10 -5.31 -14.52 10.32
CA ARG H 10 -6.61 -15.13 10.02
C ARG H 10 -7.76 -14.28 10.57
N LEU H 11 -7.51 -13.59 11.69
CA LEU H 11 -8.52 -12.68 12.22
C LEU H 11 -8.77 -11.52 11.27
N LYS H 12 -7.74 -11.06 10.57
CA LYS H 12 -7.89 -10.00 9.58
C LYS H 12 -8.79 -10.43 8.43
C MK8 H 13 -10.61 -12.22 6.78
N MK8 H 13 -8.35 -11.46 7.70
O MK8 H 13 -11.45 -11.76 5.95
CA MK8 H 13 -9.07 -11.97 6.53
CB MK8 H 13 -8.48 -13.31 6.05
CD MK8 H 13 -6.44 -14.75 5.76
CE MK8 H 13 -4.94 -14.68 5.69
CG MK8 H 13 -7.02 -13.50 6.41
CB1 MK8 H 13 -8.98 -10.97 5.37
N LEU H 14 -10.94 -12.91 7.86
CA LEU H 14 -12.33 -13.19 8.19
C LEU H 14 -13.01 -11.92 8.68
N GLY H 15 -12.23 -11.02 9.26
CA GLY H 15 -12.77 -9.72 9.64
C GLY H 15 -13.06 -8.83 8.45
N ASP H 16 -12.14 -8.83 7.47
CA ASP H 16 -12.39 -8.07 6.25
C ASP H 16 -13.47 -8.72 5.41
N GLU H 17 -13.52 -10.06 5.41
CA GLU H 17 -14.58 -10.76 4.68
C GLU H 17 -15.95 -10.45 5.27
N LEU H 18 -16.06 -10.48 6.60
CA LEU H 18 -17.31 -10.12 7.25
C LEU H 18 -17.69 -8.67 6.97
N HIS H 19 -16.69 -7.79 6.85
CA HIS H 19 -16.97 -6.38 6.57
C HIS H 19 -17.46 -6.20 5.13
N GLN H 20 -16.73 -6.78 4.17
CA GLN H 20 -17.12 -6.62 2.76
C GLN H 20 -18.43 -7.34 2.46
N ARG H 21 -18.66 -8.49 3.09
CA ARG H 21 -19.91 -9.22 2.86
C ARG H 21 -21.10 -8.41 3.37
N THR H 22 -20.98 -7.85 4.58
CA THR H 22 -22.09 -7.09 5.16
C THR H 22 -22.30 -5.78 4.41
N MET H 23 -21.24 -5.17 3.90
CA MET H 23 -21.35 -3.88 3.22
C MET H 23 -22.07 -3.97 1.88
N TRP H 24 -22.37 -5.17 1.39
CA TRP H 24 -23.09 -5.32 0.13
C TRP H 24 -24.48 -5.89 0.36
N SER I 1 4.06 23.42 -3.75
CA SER I 1 5.08 22.93 -2.84
C SER I 1 4.66 23.16 -1.39
N SER I 2 4.99 24.34 -0.87
CA SER I 2 4.52 24.69 0.48
C SER I 2 3.02 24.92 0.51
N ALA I 3 2.45 25.37 -0.61
CA ALA I 3 1.00 25.52 -0.70
C ALA I 3 0.32 24.18 -0.92
N ALA I 4 0.95 23.29 -1.68
CA ALA I 4 0.40 21.94 -1.85
C ALA I 4 0.43 21.16 -0.54
N GLN I 5 1.43 21.41 0.31
CA GLN I 5 1.45 20.81 1.64
C GLN I 5 0.26 21.29 2.47
N LEU I 6 -0.02 22.60 2.42
CA LEU I 6 -1.20 23.13 3.10
C LEU I 6 -2.49 22.67 2.42
N LEU I 7 -2.49 22.62 1.09
CA LEU I 7 -3.67 22.18 0.36
C LEU I 7 -3.99 20.72 0.67
N ALA I 8 -2.98 19.87 0.73
CA ALA I 8 -3.16 18.45 1.06
C ALA I 8 -3.79 18.31 2.44
C MK8 I 9 -5.26 19.48 4.82
N MK8 I 9 -3.20 19.01 3.42
O MK8 I 9 -6.09 18.74 5.41
CA MK8 I 9 -3.73 19.07 4.79
CB MK8 I 9 -2.99 20.10 5.66
CD MK8 I 9 -4.02 21.07 7.72
CE MK8 I 9 -4.77 20.65 8.95
CG MK8 I 9 -3.21 19.93 7.14
CB1 MK8 I 9 -3.65 17.70 5.47
N ARG I 10 -5.59 20.61 4.19
CA ARG I 10 -6.96 21.14 4.19
C ARG I 10 -7.95 20.18 3.52
N LEU I 11 -7.48 19.47 2.48
CA LEU I 11 -8.34 18.49 1.83
C LEU I 11 -8.67 17.33 2.75
N LYS I 12 -7.75 16.97 3.64
CA LYS I 12 -7.97 15.90 4.61
C LYS I 12 -9.10 16.25 5.57
C MK8 I 13 -11.30 17.92 6.83
N MK8 I 13 -8.86 17.29 6.38
O MK8 I 13 -12.27 17.40 7.45
CA MK8 I 13 -9.84 17.75 7.39
CB MK8 I 13 -9.44 19.11 7.99
CD MK8 I 13 -7.64 20.78 8.39
CE MK8 I 13 -6.14 20.83 8.36
CG MK8 I 13 -8.18 19.72 7.45
CB1 MK8 I 13 -9.94 16.73 8.53
N LEU I 14 -11.43 18.62 5.71
CA LEU I 14 -12.73 18.83 5.08
C LEU I 14 -13.30 17.52 4.57
N GLY I 15 -12.42 16.66 4.04
CA GLY I 15 -12.86 15.34 3.60
C GLY I 15 -13.29 14.46 4.77
N ASP I 16 -12.52 14.48 5.86
CA ASP I 16 -12.89 13.71 7.04
C ASP I 16 -14.11 14.30 7.72
N GLU I 17 -14.31 15.62 7.62
CA GLU I 17 -15.53 16.23 8.16
C GLU I 17 -16.74 15.81 7.35
N LEU I 18 -16.63 15.86 6.02
CA LEU I 18 -17.73 15.40 5.17
C LEU I 18 -18.06 13.94 5.44
N HIS I 19 -17.05 13.14 5.75
CA HIS I 19 -17.27 11.73 6.05
C HIS I 19 -18.05 11.56 7.35
N GLN I 20 -17.55 12.15 8.44
CA GLN I 20 -18.21 12.00 9.73
C GLN I 20 -19.60 12.63 9.73
N ARG I 21 -19.78 13.75 9.01
CA ARG I 21 -21.09 14.38 8.94
C ARG I 21 -22.08 13.48 8.20
N THR I 22 -21.68 12.94 7.06
CA THR I 22 -22.56 12.06 6.30
C THR I 22 -22.80 10.75 7.06
N MET I 23 -21.77 10.27 7.78
CA MET I 23 -21.90 9.00 8.50
C MET I 23 -22.99 9.06 9.56
N TRP I 24 -23.22 10.23 10.15
CA TRP I 24 -24.25 10.37 11.17
C TRP I 24 -25.57 10.85 10.55
N SER J 1 18.72 12.91 -7.97
CA SER J 1 17.58 13.17 -8.83
C SER J 1 17.63 12.26 -10.06
N SER J 2 18.38 12.69 -11.09
CA SER J 2 18.57 11.83 -12.25
C SER J 2 19.46 10.63 -11.91
N ALA J 3 20.39 10.81 -10.98
CA ALA J 3 21.21 9.69 -10.53
C ALA J 3 20.41 8.76 -9.62
N ALA J 4 19.58 9.33 -8.74
CA ALA J 4 18.71 8.50 -7.90
C ALA J 4 17.71 7.73 -8.74
N GLN J 5 17.23 8.31 -9.84
CA GLN J 5 16.37 7.58 -10.77
C GLN J 5 17.11 6.39 -11.36
N LEU J 6 18.38 6.58 -11.73
CA LEU J 6 19.18 5.47 -12.25
C LEU J 6 19.58 4.52 -11.14
N LEU J 7 19.93 5.05 -9.96
CA LEU J 7 20.34 4.20 -8.85
C LEU J 7 19.20 3.31 -8.38
N ALA J 8 17.99 3.84 -8.32
CA ALA J 8 16.81 3.06 -7.94
C ALA J 8 16.64 1.89 -8.89
C MK8 J 9 17.64 0.03 -11.07
N MK8 J 9 16.64 2.20 -10.19
O MK8 J 9 17.26 -1.18 -11.06
CA MK8 J 9 16.57 1.18 -11.25
CB MK8 J 9 16.80 1.78 -12.65
CD MK8 J 9 17.49 0.37 -14.60
CE MK8 J 9 17.14 -0.95 -15.25
CG MK8 J 9 16.33 0.90 -13.78
CB1 MK8 J 9 15.20 0.49 -11.25
N ARG J 10 18.90 0.41 -10.94
CA ARG J 10 20.00 -0.54 -10.81
C ARG J 10 19.85 -1.43 -9.58
N LEU J 11 19.33 -0.85 -8.50
CA LEU J 11 19.09 -1.65 -7.28
C LEU J 11 18.02 -2.71 -7.51
N LYS J 12 17.03 -2.42 -8.34
CA LYS J 12 15.97 -3.37 -8.65
C LYS J 12 16.52 -4.62 -9.34
C MK8 J 13 18.61 -6.45 -10.54
N MK8 J 13 17.07 -4.41 -10.53
O MK8 J 13 18.44 -7.69 -10.57
CA MK8 J 13 17.63 -5.51 -11.34
CB MK8 J 13 18.43 -4.97 -12.56
CD MK8 J 13 18.78 -3.03 -14.07
CE MK8 J 13 18.02 -1.77 -14.38
CG MK8 J 13 18.55 -3.48 -12.64
CB1 MK8 J 13 16.52 -6.41 -11.88
N LEU J 14 19.59 -5.86 -9.87
CA LEU J 14 20.55 -6.61 -9.08
C LEU J 14 19.84 -7.32 -7.92
N GLY J 15 18.86 -6.62 -7.33
CA GLY J 15 18.07 -7.25 -6.28
C GLY J 15 17.25 -8.41 -6.80
N ASP J 16 16.57 -8.21 -7.94
CA ASP J 16 15.79 -9.29 -8.53
C ASP J 16 16.70 -10.41 -9.05
N GLU J 17 17.91 -10.06 -9.50
CA GLU J 17 18.86 -11.10 -9.91
C GLU J 17 19.30 -11.94 -8.73
N LEU J 18 19.68 -11.29 -7.62
CA LEU J 18 20.05 -12.02 -6.42
C LEU J 18 18.89 -12.85 -5.90
N HIS J 19 17.66 -12.37 -6.09
CA HIS J 19 16.49 -13.14 -5.65
C HIS J 19 16.33 -14.41 -6.47
N GLN J 20 16.28 -14.28 -7.80
CA GLN J 20 16.09 -15.45 -8.65
C GLN J 20 17.27 -16.41 -8.56
N ARG J 21 18.48 -15.88 -8.43
CA ARG J 21 19.65 -16.74 -8.31
C ARG J 21 19.60 -17.57 -7.04
N THR J 22 19.32 -16.93 -5.90
CA THR J 22 19.18 -17.65 -4.65
C THR J 22 17.99 -18.61 -4.69
N MET J 23 16.93 -18.24 -5.42
CA MET J 23 15.75 -19.09 -5.49
C MET J 23 16.04 -20.44 -6.13
N TRP J 24 16.96 -20.48 -7.10
CA TRP J 24 17.30 -21.73 -7.75
C TRP J 24 18.51 -22.38 -7.08
N SER K 2 -24.72 14.08 19.40
CA SER K 2 -24.40 14.04 17.98
C SER K 2 -23.84 15.38 17.51
N ALA K 3 -24.53 16.47 17.86
CA ALA K 3 -24.05 17.79 17.46
C ALA K 3 -22.79 18.18 18.24
N ALA K 4 -22.68 17.76 19.50
CA ALA K 4 -21.53 18.13 20.31
C ALA K 4 -20.29 17.37 19.86
N GLN K 5 -20.41 16.05 19.70
CA GLN K 5 -19.33 15.28 19.10
C GLN K 5 -18.95 15.84 17.73
N LEU K 6 -19.95 16.26 16.94
CA LEU K 6 -19.64 16.79 15.61
C LEU K 6 -19.03 18.19 15.69
N LEU K 7 -19.47 19.00 16.65
CA LEU K 7 -18.86 20.32 16.85
C LEU K 7 -17.43 20.19 17.38
N ALA K 8 -17.22 19.30 18.35
CA ALA K 8 -15.90 19.06 18.92
C ALA K 8 -14.91 18.67 17.82
C MK8 K 9 -14.11 18.57 14.94
N MK8 K 9 -15.34 17.73 16.98
O MK8 K 9 -12.89 18.71 14.65
CA MK8 K 9 -14.56 17.33 15.79
CB MK8 K 9 -15.36 16.41 14.87
CD MK8 K 9 -14.99 16.08 12.42
CE MK8 K 9 -13.89 15.88 11.41
CG MK8 K 9 -14.53 15.71 13.81
CB1 MK8 K 9 -13.28 16.60 16.21
N ARG K 10 -15.05 19.43 14.56
CA ARG K 10 -14.79 20.59 13.73
C ARG K 10 -13.79 21.53 14.40
N LEU K 11 -13.90 21.66 15.73
CA LEU K 11 -12.94 22.50 16.46
C LEU K 11 -11.52 21.95 16.36
N LYS K 12 -11.38 20.63 16.31
CA LYS K 12 -10.07 20.00 16.15
C LYS K 12 -9.42 20.39 14.83
C MK8 K 13 -9.14 21.67 12.09
N MK8 K 13 -10.03 19.92 13.74
O MK8 K 13 -8.04 21.94 11.55
CA MK8 K 13 -9.51 20.16 12.38
CB MK8 K 13 -10.54 19.76 11.30
CD MK8 K 13 -12.48 18.27 10.71
CE MK8 K 13 -13.51 17.31 11.25
CG MK8 K 13 -11.72 18.96 11.83
CB1 MK8 K 13 -8.23 19.37 12.14
N LEU K 14 -10.04 22.58 12.45
CA LEU K 14 -9.80 24.00 12.25
C LEU K 14 -8.72 24.50 13.21
N GLY K 15 -8.72 23.93 14.43
CA GLY K 15 -7.67 24.26 15.37
C GLY K 15 -6.31 23.76 14.93
N ASP K 16 -6.26 22.50 14.47
CA ASP K 16 -5.01 21.97 13.94
C ASP K 16 -4.58 22.67 12.66
N GLU K 17 -5.55 23.11 11.85
CA GLU K 17 -5.21 23.85 10.64
C GLU K 17 -4.51 25.15 10.97
N LEU K 18 -5.03 25.91 11.94
CA LEU K 18 -4.40 27.17 12.34
C LEU K 18 -3.01 26.92 12.90
N HIS K 19 -2.82 25.81 13.62
CA HIS K 19 -1.51 25.52 14.18
C HIS K 19 -0.50 25.17 13.10
N GLN K 20 -0.85 24.23 12.22
CA GLN K 20 0.08 23.80 11.18
C GLN K 20 0.31 24.90 10.15
N ARG K 21 -0.68 25.77 9.93
CA ARG K 21 -0.48 26.90 9.04
C ARG K 21 0.50 27.91 9.63
N THR K 22 0.44 28.09 10.96
CA THR K 22 1.36 29.03 11.61
C THR K 22 2.78 28.50 11.60
N MET K 23 2.94 27.17 11.71
CA MET K 23 4.27 26.58 11.73
C MET K 23 4.93 26.55 10.36
N TRP K 24 4.14 26.48 9.29
CA TRP K 24 4.66 26.28 7.94
C TRP K 24 5.08 27.60 7.30
N SER L 2 18.60 -24.17 -16.26
CA SER L 2 18.55 -23.16 -15.17
C SER L 2 19.63 -22.10 -15.40
N ALA L 3 20.73 -22.50 -16.02
CA ALA L 3 21.79 -21.55 -16.38
C ALA L 3 21.28 -20.66 -17.50
N ALA L 4 20.61 -21.28 -18.46
CA ALA L 4 20.05 -20.60 -19.64
C ALA L 4 18.96 -19.63 -19.21
N GLN L 5 18.18 -20.01 -18.22
CA GLN L 5 17.06 -19.19 -17.72
C GLN L 5 17.63 -17.97 -16.97
N LEU L 6 18.70 -18.16 -16.21
CA LEU L 6 19.38 -17.06 -15.47
C LEU L 6 20.14 -16.15 -16.43
N LEU L 7 20.86 -16.74 -17.37
CA LEU L 7 21.62 -15.99 -18.39
C LEU L 7 20.61 -15.16 -19.16
N ALA L 8 19.50 -15.76 -19.56
CA ALA L 8 18.51 -14.98 -20.30
C ALA L 8 18.01 -13.83 -19.44
C MK8 L 9 18.27 -11.97 -17.07
N MK8 L 9 17.61 -14.15 -18.20
O MK8 L 9 17.88 -10.78 -17.16
CA MK8 L 9 17.21 -13.14 -17.22
CB MK8 L 9 17.03 -13.74 -15.81
CD MK8 L 9 17.32 -12.46 -13.67
CE MK8 L 9 16.95 -11.16 -13.01
CG MK8 L 9 16.39 -12.78 -14.82
CB1 MK8 L 9 15.89 -12.48 -17.61
N ARG L 10 19.53 -12.34 -16.90
CA ARG L 10 20.60 -11.37 -16.69
C ARG L 10 20.80 -10.47 -17.91
N LEU L 11 20.69 -11.06 -19.10
CA LEU L 11 20.79 -10.26 -20.33
C LEU L 11 19.66 -9.23 -20.43
N LYS L 12 18.50 -9.55 -19.88
CA LYS L 12 17.38 -8.60 -19.86
C LYS L 12 17.71 -7.36 -19.05
C MK8 L 13 19.38 -5.51 -17.32
N MK8 L 13 17.92 -7.55 -17.75
O MK8 L 13 19.20 -4.27 -17.30
CA MK8 L 13 18.23 -6.48 -16.81
CB MK8 L 13 18.68 -7.01 -15.44
CD MK8 L 13 18.52 -8.86 -13.76
CE MK8 L 13 18.02 -10.26 -13.54
CG MK8 L 13 18.45 -8.49 -15.23
CB1 MK8 L 13 17.01 -5.57 -16.60
N LEU L 14 20.50 -6.09 -17.73
CA LEU L 14 21.61 -5.31 -18.25
C LEU L 14 21.25 -4.68 -19.58
N GLY L 15 20.40 -5.38 -20.35
CA GLY L 15 19.92 -4.81 -21.60
C GLY L 15 18.95 -3.66 -21.37
N ASP L 16 18.07 -3.81 -20.38
CA ASP L 16 17.14 -2.73 -20.07
C ASP L 16 17.86 -1.58 -19.37
N GLU L 17 18.84 -1.88 -18.52
CA GLU L 17 19.63 -0.84 -17.88
C GLU L 17 20.38 -0.01 -18.92
N LEU L 18 20.97 -0.68 -19.91
CA LEU L 18 21.64 0.05 -20.98
C LEU L 18 20.66 0.91 -21.77
N HIS L 19 19.46 0.38 -22.03
CA HIS L 19 18.47 1.15 -22.78
C HIS L 19 18.01 2.37 -21.99
N GLN L 20 17.63 2.17 -20.73
CA GLN L 20 17.13 3.28 -19.92
C GLN L 20 18.21 4.29 -19.56
N ARG L 21 19.49 3.90 -19.62
CA ARG L 21 20.55 4.84 -19.29
C ARG L 21 20.75 5.86 -20.41
N THR L 22 20.88 5.39 -21.65
CA THR L 22 21.07 6.30 -22.78
C THR L 22 19.82 7.10 -23.12
N MET L 23 18.67 6.77 -22.53
CA MET L 23 17.44 7.49 -22.77
C MET L 23 17.14 8.53 -21.69
N TRP L 24 17.96 8.59 -20.64
CA TRP L 24 17.75 9.54 -19.56
C TRP L 24 18.75 10.69 -19.63
MG MG M . -24.17 -26.77 -7.49
MG MG N . -9.19 -26.14 24.27
MG MG O . -27.78 31.48 17.93
MG MG P . -8.70 -8.74 0.91
MG MG Q . -3.51 -10.72 5.08
#